data_4OHT
#
_entry.id   4OHT
#
_cell.length_a   134.759
_cell.length_b   134.759
_cell.length_c   173.527
_cell.angle_alpha   90.00
_cell.angle_beta   90.00
_cell.angle_gamma   90.00
#
_symmetry.space_group_name_H-M   'P 43 21 2'
#
loop_
_entity.id
_entity.type
_entity.pdbx_description
1 polymer 'Succinate-semialdehyde dehydrogenase'
2 non-polymer 'NADP NICOTINAMIDE-ADENINE-DINUCLEOTIDE PHOSPHATE'
3 water water
#
_entity_poly.entity_id   1
_entity_poly.type   'polypeptide(L)'
_entity_poly.pdbx_seq_one_letter_code
;MAYQTIYPYTNEVLHTFDNMTDQGLADVLERAHLLYKKWRKEDHLEERKAQLHQVANILRRDRDKYAEIMTKDMGKLFTE
AQGEVDLCADIADYYADKADEFLMSTPLETDSGQAYYLKQSTGVILAVEPWNFPYYQIMRVFAPNFIVGNPMVLKHASIC
PRSAQSFEELVLEAGAEAGSITNLFISYDQVSQVIADKRVVGVCLTGSERGGASIAEEAGKNLKKTTLELGGDDAFIILD
DADWDQLEKVLYFSRLYNAGQVCTSSKRFIVLDKDYDRFKELLTKVFKTAKWGDPMDPETTLAPLSSAQAKADVLDQIKL
ALDHGAELVYGGEAIDHPGHFVMPTIIAGLTKDNPIYYQEIFGPVGEIYKVSSEEEAIEVANDSNYGLGGTIFSSNQEHA
KAVAAKIETGMSFINSGWTSLPELPFGGIKHSGYGRELSELGFTSFVNEHLIYIPNKTNNSNTKV
;
_entity_poly.pdbx_strand_id   A,B
#
# COMPACT_ATOMS: atom_id res chain seq x y z
N ALA A 2 -18.78 22.36 11.53
CA ALA A 2 -20.21 22.16 11.10
C ALA A 2 -20.34 21.96 9.60
N TYR A 3 -21.25 21.08 9.20
CA TYR A 3 -21.49 20.81 7.79
C TYR A 3 -22.53 21.80 7.26
N GLN A 4 -22.06 22.72 6.42
CA GLN A 4 -22.95 23.74 5.86
C GLN A 4 -22.66 24.07 4.41
N THR A 5 -23.71 24.44 3.69
CA THR A 5 -23.59 24.87 2.32
C THR A 5 -23.63 26.40 2.39
N ILE A 6 -22.54 27.05 2.02
CA ILE A 6 -22.46 28.51 2.02
C ILE A 6 -21.98 28.91 0.62
N TYR A 7 -22.91 29.43 -0.18
CA TYR A 7 -22.60 29.83 -1.54
C TYR A 7 -21.41 30.81 -1.59
N PRO A 8 -20.27 30.38 -2.17
CA PRO A 8 -19.08 31.23 -2.26
C PRO A 8 -19.30 32.55 -3.01
N TYR A 9 -20.33 32.59 -3.86
CA TYR A 9 -20.60 33.80 -4.63
C TYR A 9 -21.31 34.89 -3.83
N THR A 10 -22.20 34.50 -2.92
CA THR A 10 -22.95 35.46 -2.12
C THR A 10 -22.61 35.37 -0.63
N ASN A 11 -21.93 34.29 -0.26
CA ASN A 11 -21.56 34.02 1.12
C ASN A 11 -22.79 33.85 2.00
N GLU A 12 -23.84 33.31 1.42
CA GLU A 12 -25.10 33.07 2.13
C GLU A 12 -25.24 31.59 2.50
N VAL A 13 -25.65 31.32 3.73
CA VAL A 13 -25.85 29.95 4.18
C VAL A 13 -27.11 29.39 3.53
N LEU A 14 -26.98 28.28 2.81
CA LEU A 14 -28.14 27.67 2.16
C LEU A 14 -28.71 26.48 2.91
N HIS A 15 -27.84 25.62 3.44
CA HIS A 15 -28.28 24.46 4.21
C HIS A 15 -27.33 24.21 5.39
N THR A 16 -27.86 23.65 6.46
CA THR A 16 -27.04 23.30 7.63
C THR A 16 -27.45 21.88 7.98
N PHE A 17 -26.50 20.96 7.99
CA PHE A 17 -26.79 19.57 8.28
C PHE A 17 -26.41 19.15 9.69
N ASP A 18 -27.18 18.22 10.24
CA ASP A 18 -26.91 17.72 11.59
C ASP A 18 -25.90 16.58 11.50
N ASN A 19 -24.97 16.54 12.45
CA ASN A 19 -23.96 15.50 12.49
C ASN A 19 -24.58 14.15 12.81
N MET A 20 -23.91 13.10 12.36
CA MET A 20 -24.37 11.73 12.60
C MET A 20 -24.07 11.38 14.05
N THR A 21 -25.01 10.71 14.71
CA THR A 21 -24.85 10.31 16.11
C THR A 21 -24.01 9.04 16.21
N ASP A 22 -23.56 8.71 17.42
CA ASP A 22 -22.75 7.51 17.64
C ASP A 22 -23.54 6.24 17.34
N GLN A 23 -24.82 6.23 17.68
CA GLN A 23 -25.66 5.06 17.42
C GLN A 23 -25.86 4.91 15.92
N GLY A 24 -26.06 6.04 15.24
CA GLY A 24 -26.26 6.01 13.80
C GLY A 24 -25.01 5.47 13.12
N LEU A 25 -23.85 5.90 13.61
CA LEU A 25 -22.58 5.45 13.05
C LEU A 25 -22.43 3.93 13.23
N ALA A 26 -22.77 3.45 14.42
CA ALA A 26 -22.67 2.01 14.69
C ALA A 26 -23.63 1.24 13.77
N ASP A 27 -24.83 1.76 13.56
CA ASP A 27 -25.79 1.09 12.67
C ASP A 27 -25.27 1.06 11.24
N VAL A 28 -24.65 2.15 10.80
CA VAL A 28 -24.12 2.22 9.43
C VAL A 28 -22.98 1.23 9.21
N LEU A 29 -22.09 1.09 10.18
CA LEU A 29 -20.97 0.16 10.02
C LEU A 29 -21.42 -1.28 10.02
N GLU A 30 -22.40 -1.61 10.85
CA GLU A 30 -22.91 -2.98 10.90
C GLU A 30 -23.62 -3.33 9.61
N ARG A 31 -24.40 -2.38 9.08
CA ARG A 31 -25.10 -2.61 7.83
C ARG A 31 -24.10 -2.83 6.70
N ALA A 32 -23.03 -2.03 6.68
CA ALA A 32 -22.00 -2.15 5.65
C ALA A 32 -21.26 -3.48 5.77
N HIS A 33 -20.98 -3.90 7.01
CA HIS A 33 -20.28 -5.16 7.25
C HIS A 33 -21.10 -6.36 6.79
N LEU A 34 -22.40 -6.34 7.07
CA LEU A 34 -23.28 -7.42 6.67
C LEU A 34 -23.41 -7.46 5.15
N LEU A 35 -23.36 -6.29 4.53
CA LEU A 35 -23.45 -6.22 3.07
C LEU A 35 -22.18 -6.81 2.47
N TYR A 36 -21.05 -6.57 3.13
CA TYR A 36 -19.77 -7.11 2.66
C TYR A 36 -19.83 -8.63 2.69
N LYS A 37 -20.32 -9.20 3.79
CA LYS A 37 -20.40 -10.64 3.91
C LYS A 37 -21.35 -11.25 2.89
N LYS A 38 -22.41 -10.51 2.56
CA LYS A 38 -23.37 -11.00 1.59
C LYS A 38 -22.69 -11.13 0.22
N TRP A 39 -21.97 -10.09 -0.18
CA TRP A 39 -21.28 -10.10 -1.48
C TRP A 39 -20.09 -11.04 -1.50
N ARG A 40 -19.55 -11.35 -0.33
CA ARG A 40 -18.39 -12.25 -0.22
C ARG A 40 -18.84 -13.70 -0.37
N LYS A 41 -20.00 -14.03 0.20
CA LYS A 41 -20.53 -15.39 0.16
C LYS A 41 -21.38 -15.66 -1.09
N GLU A 42 -22.00 -14.62 -1.63
CA GLU A 42 -22.84 -14.77 -2.81
C GLU A 42 -22.40 -13.83 -3.92
N ASP A 43 -22.36 -14.33 -5.15
CA ASP A 43 -21.94 -13.51 -6.28
C ASP A 43 -23.05 -12.59 -6.78
N HIS A 44 -22.90 -11.29 -6.51
CA HIS A 44 -23.87 -10.27 -6.92
C HIS A 44 -23.23 -9.25 -7.87
N LEU A 45 -22.13 -9.64 -8.49
CA LEU A 45 -21.42 -8.76 -9.41
C LEU A 45 -22.30 -8.21 -10.53
N GLU A 46 -23.05 -9.09 -11.19
CA GLU A 46 -23.91 -8.66 -12.30
C GLU A 46 -24.87 -7.54 -11.87
N GLU A 47 -25.42 -7.66 -10.66
CA GLU A 47 -26.33 -6.65 -10.17
C GLU A 47 -25.59 -5.33 -9.95
N ARG A 48 -24.38 -5.41 -9.40
CA ARG A 48 -23.61 -4.20 -9.15
C ARG A 48 -23.24 -3.51 -10.45
N LYS A 49 -22.92 -4.30 -11.47
CA LYS A 49 -22.58 -3.74 -12.79
C LYS A 49 -23.76 -2.95 -13.34
N ALA A 50 -24.94 -3.57 -13.30
CA ALA A 50 -26.16 -2.94 -13.80
C ALA A 50 -26.44 -1.67 -13.02
N GLN A 51 -26.28 -1.75 -11.70
CA GLN A 51 -26.50 -0.61 -10.81
C GLN A 51 -25.54 0.54 -11.09
N LEU A 52 -24.26 0.23 -11.30
CA LEU A 52 -23.28 1.27 -11.58
C LEU A 52 -23.60 1.94 -12.92
N HIS A 53 -24.05 1.15 -13.90
CA HIS A 53 -24.43 1.72 -15.20
C HIS A 53 -25.63 2.65 -14.99
N GLN A 54 -26.51 2.28 -14.06
CA GLN A 54 -27.69 3.09 -13.79
C GLN A 54 -27.27 4.40 -13.11
N VAL A 55 -26.20 4.34 -12.32
CA VAL A 55 -25.72 5.55 -11.67
C VAL A 55 -25.29 6.51 -12.78
N ALA A 56 -24.60 5.97 -13.77
CA ALA A 56 -24.15 6.77 -14.91
C ALA A 56 -25.34 7.33 -15.70
N ASN A 57 -26.38 6.52 -15.90
CA ASN A 57 -27.56 6.98 -16.64
C ASN A 57 -28.23 8.15 -15.92
N ILE A 58 -28.41 8.02 -14.61
CA ILE A 58 -29.04 9.06 -13.83
C ILE A 58 -28.21 10.36 -13.86
N LEU A 59 -26.88 10.23 -13.82
CA LEU A 59 -26.02 11.41 -13.87
C LEU A 59 -26.17 12.13 -15.21
N ARG A 60 -26.28 11.37 -16.29
CA ARG A 60 -26.45 11.96 -17.62
C ARG A 60 -27.75 12.77 -17.62
N ARG A 61 -28.83 12.10 -17.26
CA ARG A 61 -30.16 12.69 -17.23
C ARG A 61 -30.27 13.95 -16.36
N ASP A 62 -29.78 13.89 -15.13
CA ASP A 62 -29.90 15.04 -14.24
C ASP A 62 -28.61 15.83 -14.04
N ARG A 63 -27.71 15.76 -15.02
CA ARG A 63 -26.43 16.45 -14.95
C ARG A 63 -26.48 17.88 -14.43
N ASP A 64 -27.35 18.70 -15.00
CA ASP A 64 -27.46 20.09 -14.57
C ASP A 64 -27.82 20.26 -13.10
N LYS A 65 -28.65 19.36 -12.57
CA LYS A 65 -29.01 19.44 -11.16
C LYS A 65 -27.77 19.14 -10.30
N TYR A 66 -27.03 18.11 -10.65
CA TYR A 66 -25.83 17.74 -9.89
C TYR A 66 -24.75 18.80 -10.05
N ALA A 67 -24.69 19.40 -11.23
CA ALA A 67 -23.71 20.45 -11.49
C ALA A 67 -24.02 21.67 -10.64
N GLU A 68 -25.30 22.04 -10.54
CA GLU A 68 -25.65 23.21 -9.74
C GLU A 68 -25.34 22.99 -8.26
N ILE A 69 -25.53 21.77 -7.78
CA ILE A 69 -25.25 21.48 -6.38
C ILE A 69 -23.77 21.75 -6.05
N MET A 70 -22.88 21.36 -6.95
CA MET A 70 -21.45 21.58 -6.71
C MET A 70 -21.11 23.06 -6.71
N THR A 71 -21.71 23.80 -7.64
CA THR A 71 -21.50 25.23 -7.76
C THR A 71 -21.93 25.97 -6.49
N LYS A 72 -23.12 25.64 -5.99
CA LYS A 72 -23.64 26.29 -4.79
C LYS A 72 -22.86 25.87 -3.53
N ASP A 73 -22.31 24.67 -3.57
CA ASP A 73 -21.53 24.16 -2.44
C ASP A 73 -20.16 24.85 -2.36
N MET A 74 -19.33 24.65 -3.39
CA MET A 74 -17.98 25.23 -3.35
C MET A 74 -17.62 26.30 -4.39
N GLY A 75 -18.64 26.80 -5.08
CA GLY A 75 -18.45 27.87 -6.04
C GLY A 75 -17.87 27.71 -7.43
N LYS A 76 -17.55 26.49 -7.86
CA LYS A 76 -16.96 26.34 -9.19
C LYS A 76 -17.94 26.69 -10.30
N LEU A 77 -17.40 27.10 -11.45
CA LEU A 77 -18.22 27.44 -12.60
C LEU A 77 -19.14 26.28 -12.96
N PHE A 78 -20.41 26.62 -13.20
CA PHE A 78 -21.42 25.64 -13.55
C PHE A 78 -20.97 24.80 -14.76
N THR A 79 -20.30 25.43 -15.72
CA THR A 79 -19.83 24.72 -16.89
C THR A 79 -18.75 23.71 -16.50
N GLU A 80 -17.88 24.08 -15.56
CA GLU A 80 -16.85 23.16 -15.10
C GLU A 80 -17.54 22.02 -14.36
N ALA A 81 -18.59 22.35 -13.60
CA ALA A 81 -19.32 21.34 -12.85
C ALA A 81 -19.97 20.30 -13.78
N GLN A 82 -20.44 20.74 -14.95
CA GLN A 82 -21.05 19.82 -15.90
C GLN A 82 -19.97 18.89 -16.44
N GLY A 83 -18.77 19.43 -16.64
CA GLY A 83 -17.67 18.63 -17.13
C GLY A 83 -17.30 17.57 -16.10
N GLU A 84 -17.36 17.95 -14.83
CA GLU A 84 -17.03 17.02 -13.77
C GLU A 84 -18.01 15.86 -13.79
N VAL A 85 -19.30 16.15 -13.96
CA VAL A 85 -20.31 15.10 -14.01
C VAL A 85 -20.04 14.13 -15.16
N ASP A 86 -19.69 14.67 -16.33
CA ASP A 86 -19.41 13.81 -17.48
C ASP A 86 -18.28 12.83 -17.17
N LEU A 87 -17.24 13.30 -16.47
CA LEU A 87 -16.11 12.44 -16.13
C LEU A 87 -16.58 11.34 -15.17
N CYS A 88 -17.50 11.69 -14.26
CA CYS A 88 -18.01 10.70 -13.33
C CYS A 88 -18.79 9.62 -14.07
N ALA A 89 -19.55 10.03 -15.10
CA ALA A 89 -20.31 9.07 -15.88
C ALA A 89 -19.33 8.12 -16.57
N ASP A 90 -18.25 8.68 -17.10
CA ASP A 90 -17.21 7.90 -17.79
C ASP A 90 -16.56 6.87 -16.86
N ILE A 91 -16.28 7.29 -15.63
CA ILE A 91 -15.65 6.40 -14.65
C ILE A 91 -16.58 5.26 -14.25
N ALA A 92 -17.84 5.60 -13.99
CA ALA A 92 -18.84 4.61 -13.60
C ALA A 92 -19.00 3.55 -14.71
N ASP A 93 -19.14 4.01 -15.95
CA ASP A 93 -19.30 3.06 -17.06
C ASP A 93 -18.05 2.24 -17.31
N TYR A 94 -16.88 2.85 -17.12
CA TYR A 94 -15.63 2.15 -17.33
C TYR A 94 -15.48 0.93 -16.43
N TYR A 95 -15.65 1.12 -15.13
CA TYR A 95 -15.52 0.00 -14.21
C TYR A 95 -16.63 -1.05 -14.34
N ALA A 96 -17.83 -0.61 -14.74
CA ALA A 96 -18.92 -1.55 -14.93
C ALA A 96 -18.55 -2.44 -16.13
N ASP A 97 -17.94 -1.84 -17.15
CA ASP A 97 -17.54 -2.61 -18.34
C ASP A 97 -16.31 -3.49 -18.12
N LYS A 98 -15.36 -3.01 -17.34
CA LYS A 98 -14.13 -3.76 -17.10
C LYS A 98 -14.22 -4.76 -15.96
N ALA A 99 -15.34 -4.74 -15.24
CA ALA A 99 -15.53 -5.62 -14.09
C ALA A 99 -15.04 -7.07 -14.29
N ASP A 100 -15.68 -7.79 -15.20
CA ASP A 100 -15.31 -9.18 -15.45
C ASP A 100 -13.82 -9.35 -15.72
N GLU A 101 -13.28 -8.48 -16.57
CA GLU A 101 -11.86 -8.55 -16.88
C GLU A 101 -10.98 -8.31 -15.66
N PHE A 102 -11.21 -7.19 -14.98
CA PHE A 102 -10.41 -6.83 -13.81
C PHE A 102 -10.50 -7.81 -12.63
N LEU A 103 -11.59 -8.56 -12.53
CA LEU A 103 -11.75 -9.52 -11.42
C LEU A 103 -11.33 -10.94 -11.76
N MET A 104 -10.90 -11.15 -12.99
CA MET A 104 -10.46 -12.46 -13.47
C MET A 104 -9.29 -13.01 -12.64
N SER A 105 -9.26 -14.31 -12.38
CA SER A 105 -8.18 -14.91 -11.61
C SER A 105 -6.89 -14.83 -12.43
N THR A 106 -5.76 -14.72 -11.74
CA THR A 106 -4.47 -14.57 -12.42
C THR A 106 -3.55 -15.79 -12.34
N PRO A 107 -3.29 -16.43 -13.49
CA PRO A 107 -2.40 -17.61 -13.52
C PRO A 107 -0.97 -17.18 -13.17
N LEU A 108 -0.25 -18.04 -12.47
CA LEU A 108 1.14 -17.75 -12.11
C LEU A 108 2.05 -18.82 -12.68
N GLU A 109 3.12 -18.40 -13.34
CA GLU A 109 4.05 -19.33 -13.97
C GLU A 109 4.95 -20.00 -12.94
N THR A 110 4.94 -21.34 -12.94
CA THR A 110 5.76 -22.12 -12.03
C THR A 110 5.83 -23.55 -12.55
N ASP A 111 7.00 -24.17 -12.44
CA ASP A 111 7.16 -25.54 -12.90
C ASP A 111 7.08 -26.51 -11.74
N SER A 112 6.67 -26.02 -10.57
CA SER A 112 6.57 -26.86 -9.38
C SER A 112 5.13 -27.31 -9.12
N GLY A 113 4.17 -26.72 -9.83
CA GLY A 113 2.78 -27.11 -9.65
C GLY A 113 1.80 -26.14 -10.31
N GLN A 114 0.54 -26.19 -9.87
CA GLN A 114 -0.49 -25.31 -10.41
C GLN A 114 -0.68 -24.14 -9.46
N ALA A 115 -0.61 -22.91 -9.99
CA ALA A 115 -0.76 -21.73 -9.15
C ALA A 115 -1.47 -20.56 -9.82
N TYR A 116 -2.29 -19.87 -9.04
CA TYR A 116 -3.00 -18.70 -9.51
C TYR A 116 -3.54 -17.97 -8.29
N TYR A 117 -4.03 -16.74 -8.49
CA TYR A 117 -4.61 -16.03 -7.37
C TYR A 117 -5.93 -15.38 -7.74
N LEU A 118 -6.85 -15.43 -6.79
CA LEU A 118 -8.17 -14.85 -6.95
C LEU A 118 -8.09 -13.42 -6.47
N LYS A 119 -8.97 -12.58 -6.99
CA LYS A 119 -9.02 -11.18 -6.59
C LYS A 119 -10.33 -11.09 -5.79
N GLN A 120 -10.21 -11.03 -4.47
CA GLN A 120 -11.39 -10.99 -3.63
C GLN A 120 -11.56 -9.68 -2.87
N SER A 121 -12.78 -9.41 -2.43
CA SER A 121 -13.07 -8.21 -1.66
C SER A 121 -12.46 -8.40 -0.27
N THR A 122 -12.34 -7.32 0.49
CA THR A 122 -11.76 -7.41 1.84
C THR A 122 -12.65 -6.90 2.95
N GLY A 123 -13.46 -5.89 2.68
CA GLY A 123 -14.34 -5.39 3.71
C GLY A 123 -14.83 -3.96 3.47
N VAL A 124 -15.20 -3.28 4.55
CA VAL A 124 -15.68 -1.91 4.48
C VAL A 124 -14.51 -0.94 4.37
N ILE A 125 -14.61 -0.05 3.38
CA ILE A 125 -13.58 0.94 3.12
C ILE A 125 -14.05 2.34 3.48
N LEU A 126 -13.20 3.09 4.17
CA LEU A 126 -13.53 4.46 4.53
C LEU A 126 -12.83 5.39 3.54
N ALA A 127 -13.58 6.33 2.98
CA ALA A 127 -13.02 7.30 2.05
C ALA A 127 -13.20 8.69 2.64
N VAL A 128 -12.09 9.45 2.67
CA VAL A 128 -12.10 10.81 3.19
C VAL A 128 -11.75 11.66 1.98
N GLU A 129 -12.66 12.55 1.60
CA GLU A 129 -12.48 13.37 0.40
C GLU A 129 -12.52 14.88 0.59
N PRO A 130 -11.91 15.62 -0.36
CA PRO A 130 -11.86 17.09 -0.36
C PRO A 130 -12.96 17.74 -1.20
N TRP A 131 -13.09 19.06 -1.07
CA TRP A 131 -14.12 19.82 -1.79
C TRP A 131 -13.84 20.26 -3.23
N ASN A 132 -12.59 20.22 -3.67
CA ASN A 132 -12.28 20.72 -5.01
C ASN A 132 -12.99 20.05 -6.20
N PHE A 133 -13.38 18.78 -6.05
CA PHE A 133 -14.11 18.04 -7.09
C PHE A 133 -15.03 17.11 -6.30
N PRO A 134 -16.10 17.67 -5.72
CA PRO A 134 -17.09 16.96 -4.91
C PRO A 134 -17.55 15.58 -5.41
N TYR A 135 -17.85 15.47 -6.69
CA TYR A 135 -18.32 14.20 -7.25
C TYR A 135 -17.22 13.32 -7.79
N TYR A 136 -16.27 13.92 -8.51
CA TYR A 136 -15.17 13.18 -9.09
C TYR A 136 -14.33 12.47 -8.00
N GLN A 137 -14.05 13.17 -6.89
CA GLN A 137 -13.25 12.59 -5.81
C GLN A 137 -13.92 11.36 -5.22
N ILE A 138 -15.25 11.36 -5.15
CA ILE A 138 -15.98 10.22 -4.63
C ILE A 138 -15.98 9.06 -5.65
N MET A 139 -16.44 9.33 -6.86
CA MET A 139 -16.53 8.32 -7.91
C MET A 139 -15.21 7.59 -8.20
N ARG A 140 -14.08 8.30 -8.07
CA ARG A 140 -12.74 7.71 -8.31
C ARG A 140 -12.52 6.47 -7.47
N VAL A 141 -13.04 6.50 -6.25
CA VAL A 141 -12.85 5.36 -5.37
C VAL A 141 -14.11 4.50 -5.19
N PHE A 142 -15.29 5.11 -5.29
CA PHE A 142 -16.52 4.34 -5.12
C PHE A 142 -16.73 3.30 -6.24
N ALA A 143 -16.63 3.76 -7.49
CA ALA A 143 -16.84 2.87 -8.63
C ALA A 143 -16.00 1.60 -8.58
N PRO A 144 -14.67 1.73 -8.45
CA PRO A 144 -13.88 0.49 -8.41
C PRO A 144 -14.18 -0.40 -7.20
N ASN A 145 -14.27 0.19 -6.01
CA ASN A 145 -14.56 -0.61 -4.82
C ASN A 145 -15.97 -1.23 -4.82
N PHE A 146 -16.94 -0.53 -5.37
CA PHE A 146 -18.29 -1.06 -5.45
C PHE A 146 -18.26 -2.33 -6.30
N ILE A 147 -17.55 -2.28 -7.43
CA ILE A 147 -17.43 -3.44 -8.30
C ILE A 147 -16.70 -4.62 -7.63
N VAL A 148 -15.58 -4.35 -6.95
CA VAL A 148 -14.87 -5.44 -6.29
C VAL A 148 -15.73 -6.04 -5.19
N GLY A 149 -16.58 -5.21 -4.58
CA GLY A 149 -17.44 -5.71 -3.52
C GLY A 149 -17.13 -5.17 -2.13
N ASN A 150 -16.41 -4.04 -2.06
CA ASN A 150 -16.09 -3.44 -0.77
C ASN A 150 -17.10 -2.33 -0.44
N PRO A 151 -17.98 -2.53 0.56
CA PRO A 151 -18.92 -1.46 0.86
C PRO A 151 -18.12 -0.23 1.28
N MET A 152 -18.68 0.96 1.07
CA MET A 152 -17.96 2.18 1.41
C MET A 152 -18.66 3.18 2.33
N VAL A 153 -17.88 3.84 3.19
CA VAL A 153 -18.40 4.89 4.06
C VAL A 153 -17.59 6.12 3.71
N LEU A 154 -18.29 7.24 3.56
CA LEU A 154 -17.66 8.49 3.15
C LEU A 154 -17.71 9.64 4.13
N LYS A 155 -16.57 10.29 4.29
CA LYS A 155 -16.44 11.47 5.13
C LYS A 155 -15.98 12.51 4.12
N HIS A 156 -16.90 13.37 3.71
CA HIS A 156 -16.59 14.41 2.73
C HIS A 156 -16.25 15.71 3.45
N ALA A 157 -15.81 16.71 2.70
CA ALA A 157 -15.44 17.99 3.28
C ALA A 157 -16.63 18.72 3.91
N SER A 158 -16.33 19.51 4.94
CA SER A 158 -17.35 20.25 5.67
C SER A 158 -18.12 21.28 4.83
N ILE A 159 -17.51 21.78 3.77
CA ILE A 159 -18.18 22.79 2.93
C ILE A 159 -18.97 22.26 1.74
N CYS A 160 -18.99 20.94 1.52
CA CYS A 160 -19.78 20.40 0.40
C CYS A 160 -20.68 19.25 0.83
N PRO A 161 -21.47 19.45 1.90
CA PRO A 161 -22.38 18.45 2.45
C PRO A 161 -23.52 18.07 1.52
N ARG A 162 -24.03 19.03 0.75
CA ARG A 162 -25.12 18.75 -0.16
C ARG A 162 -24.63 17.80 -1.28
N SER A 163 -23.40 18.00 -1.74
CA SER A 163 -22.82 17.14 -2.78
C SER A 163 -22.70 15.72 -2.24
N ALA A 164 -22.16 15.62 -1.03
CA ALA A 164 -21.96 14.34 -0.37
C ALA A 164 -23.28 13.60 -0.15
N GLN A 165 -24.25 14.31 0.41
CA GLN A 165 -25.56 13.72 0.68
C GLN A 165 -26.24 13.26 -0.61
N SER A 166 -26.20 14.09 -1.64
CA SER A 166 -26.84 13.75 -2.90
C SER A 166 -26.19 12.56 -3.60
N PHE A 167 -24.91 12.33 -3.35
CA PHE A 167 -24.23 11.19 -3.98
C PHE A 167 -24.81 9.90 -3.42
N GLU A 168 -25.02 9.86 -2.10
CA GLU A 168 -25.59 8.67 -1.47
C GLU A 168 -27.00 8.41 -2.05
N GLU A 169 -27.81 9.46 -2.12
CA GLU A 169 -29.16 9.32 -2.65
C GLU A 169 -29.15 8.89 -4.12
N LEU A 170 -28.11 9.29 -4.85
CA LEU A 170 -27.96 8.94 -6.26
C LEU A 170 -27.77 7.43 -6.42
N VAL A 171 -26.95 6.84 -5.57
CA VAL A 171 -26.68 5.40 -5.63
C VAL A 171 -27.90 4.58 -5.21
N LEU A 172 -28.64 5.07 -4.21
CA LEU A 172 -29.84 4.38 -3.76
C LEU A 172 -30.90 4.45 -4.85
N GLU A 173 -30.94 5.57 -5.56
CA GLU A 173 -31.91 5.77 -6.63
C GLU A 173 -31.59 4.82 -7.79
N ALA A 174 -30.31 4.49 -7.95
CA ALA A 174 -29.87 3.60 -9.02
C ALA A 174 -30.22 2.14 -8.73
N GLY A 175 -30.71 1.88 -7.52
CA GLY A 175 -31.08 0.52 -7.16
C GLY A 175 -30.08 -0.26 -6.32
N ALA A 176 -28.98 0.37 -5.93
CA ALA A 176 -27.97 -0.32 -5.14
C ALA A 176 -28.51 -0.58 -3.74
N GLU A 177 -28.11 -1.70 -3.14
CA GLU A 177 -28.58 -2.02 -1.80
C GLU A 177 -28.06 -0.97 -0.81
N ALA A 178 -28.87 -0.67 0.19
CA ALA A 178 -28.49 0.30 1.22
C ALA A 178 -27.19 -0.20 1.84
N GLY A 179 -26.21 0.70 1.98
CA GLY A 179 -24.93 0.31 2.54
C GLY A 179 -23.81 0.28 1.52
N SER A 180 -24.14 0.31 0.23
CA SER A 180 -23.12 0.29 -0.82
C SER A 180 -22.16 1.44 -0.57
N ILE A 181 -22.73 2.60 -0.22
CA ILE A 181 -21.97 3.78 0.15
C ILE A 181 -22.86 4.61 1.06
N THR A 182 -22.30 5.11 2.14
CA THR A 182 -23.06 5.92 3.07
C THR A 182 -22.26 7.16 3.42
N ASN A 183 -22.89 8.32 3.32
CA ASN A 183 -22.23 9.55 3.67
C ASN A 183 -22.24 9.68 5.19
N LEU A 184 -21.15 10.19 5.76
CA LEU A 184 -21.05 10.36 7.20
C LEU A 184 -20.76 11.81 7.56
N PHE A 185 -21.69 12.45 8.24
CA PHE A 185 -21.49 13.83 8.68
C PHE A 185 -20.88 13.72 10.08
N ILE A 186 -19.62 13.29 10.14
CA ILE A 186 -18.95 13.09 11.42
C ILE A 186 -17.76 14.01 11.69
N SER A 187 -17.33 14.01 12.95
CA SER A 187 -16.21 14.81 13.40
C SER A 187 -14.91 14.04 13.22
N TYR A 188 -13.78 14.70 13.50
CA TYR A 188 -12.49 14.04 13.38
C TYR A 188 -12.37 12.88 14.37
N ASP A 189 -12.92 13.04 15.56
CA ASP A 189 -12.85 11.98 16.57
C ASP A 189 -13.63 10.75 16.09
N GLN A 190 -14.78 10.97 15.49
CA GLN A 190 -15.57 9.84 15.01
C GLN A 190 -14.81 9.15 13.88
N VAL A 191 -14.07 9.92 13.07
CA VAL A 191 -13.30 9.31 11.98
C VAL A 191 -12.26 8.36 12.58
N SER A 192 -11.70 8.73 13.73
CA SER A 192 -10.73 7.88 14.41
C SER A 192 -11.38 6.59 14.87
N GLN A 193 -12.63 6.69 15.35
CA GLN A 193 -13.35 5.51 15.81
C GLN A 193 -13.65 4.56 14.65
N VAL A 194 -13.99 5.14 13.50
CA VAL A 194 -14.28 4.34 12.31
C VAL A 194 -13.04 3.58 11.85
N ILE A 195 -11.90 4.27 11.83
CA ILE A 195 -10.66 3.65 11.42
C ILE A 195 -10.26 2.55 12.40
N ALA A 196 -10.57 2.75 13.68
CA ALA A 196 -10.25 1.75 14.69
C ALA A 196 -11.30 0.63 14.77
N ASP A 197 -12.39 0.76 14.01
CA ASP A 197 -13.45 -0.26 14.02
C ASP A 197 -13.02 -1.50 13.23
N LYS A 198 -13.15 -2.65 13.87
CA LYS A 198 -12.78 -3.93 13.28
C LYS A 198 -13.44 -4.24 11.93
N ARG A 199 -14.60 -3.63 11.66
CA ARG A 199 -15.33 -3.85 10.40
C ARG A 199 -14.75 -3.07 9.20
N VAL A 200 -13.94 -2.06 9.49
CA VAL A 200 -13.32 -1.26 8.46
C VAL A 200 -11.92 -1.83 8.20
N VAL A 201 -11.64 -2.13 6.93
CA VAL A 201 -10.36 -2.75 6.57
C VAL A 201 -9.38 -1.87 5.81
N GLY A 202 -9.80 -0.65 5.46
CA GLY A 202 -8.92 0.23 4.71
C GLY A 202 -9.38 1.67 4.66
N VAL A 203 -8.47 2.56 4.31
CA VAL A 203 -8.77 3.98 4.23
C VAL A 203 -8.08 4.62 3.03
N CYS A 204 -8.86 5.33 2.21
CA CYS A 204 -8.30 6.03 1.08
C CYS A 204 -8.64 7.51 1.30
N LEU A 205 -7.61 8.34 1.34
CA LEU A 205 -7.81 9.76 1.55
C LEU A 205 -7.23 10.61 0.43
N THR A 206 -7.91 11.71 0.16
CA THR A 206 -7.47 12.70 -0.81
C THR A 206 -7.60 14.01 -0.04
N GLY A 207 -6.51 14.76 0.04
CA GLY A 207 -6.58 16.01 0.77
C GLY A 207 -5.23 16.61 1.09
N SER A 208 -5.13 17.27 2.24
CA SER A 208 -3.91 17.93 2.67
C SER A 208 -2.97 17.01 3.45
N GLU A 209 -1.71 17.42 3.57
CA GLU A 209 -0.70 16.65 4.27
C GLU A 209 -1.04 16.47 5.75
N ARG A 210 -1.54 17.53 6.37
CA ARG A 210 -1.90 17.49 7.78
C ARG A 210 -3.00 16.45 8.04
N GLY A 211 -4.02 16.47 7.19
CA GLY A 211 -5.10 15.50 7.35
C GLY A 211 -4.60 14.10 7.03
N GLY A 212 -3.77 13.99 6.00
CA GLY A 212 -3.22 12.70 5.61
C GLY A 212 -2.38 12.06 6.70
N ALA A 213 -1.53 12.86 7.35
CA ALA A 213 -0.66 12.37 8.41
C ALA A 213 -1.47 11.88 9.60
N SER A 214 -2.53 12.60 9.91
CA SER A 214 -3.40 12.23 11.02
C SER A 214 -4.16 10.94 10.73
N ILE A 215 -4.74 10.83 9.54
CA ILE A 215 -5.47 9.62 9.16
C ILE A 215 -4.54 8.40 8.99
N ALA A 216 -3.42 8.57 8.29
CA ALA A 216 -2.48 7.47 8.09
C ALA A 216 -1.91 6.97 9.41
N GLU A 217 -1.66 7.89 10.33
CA GLU A 217 -1.13 7.51 11.64
C GLU A 217 -2.14 6.64 12.39
N GLU A 218 -3.41 7.03 12.37
CA GLU A 218 -4.47 6.28 13.04
C GLU A 218 -4.65 4.92 12.35
N ALA A 219 -4.56 4.90 11.02
CA ALA A 219 -4.70 3.65 10.28
C ALA A 219 -3.55 2.69 10.62
N GLY A 220 -2.32 3.21 10.62
CA GLY A 220 -1.17 2.39 10.94
C GLY A 220 -1.31 1.74 12.31
N LYS A 221 -1.68 2.53 13.30
CA LYS A 221 -1.86 2.03 14.66
C LYS A 221 -2.86 0.88 14.70
N ASN A 222 -3.80 0.87 13.77
CA ASN A 222 -4.81 -0.17 13.72
C ASN A 222 -4.55 -1.19 12.62
N LEU A 223 -3.36 -1.12 12.03
CA LEU A 223 -2.94 -2.05 10.98
C LEU A 223 -3.84 -2.06 9.73
N LYS A 224 -4.39 -0.90 9.38
CA LYS A 224 -5.27 -0.80 8.20
C LYS A 224 -4.49 -0.23 7.02
N LYS A 225 -4.61 -0.85 5.85
CA LYS A 225 -3.94 -0.37 4.65
C LYS A 225 -4.50 1.00 4.25
N THR A 226 -3.66 1.83 3.66
CA THR A 226 -4.07 3.17 3.23
C THR A 226 -3.51 3.54 1.86
N THR A 227 -4.12 4.57 1.26
CA THR A 227 -3.66 5.15 0.00
C THR A 227 -3.87 6.64 0.23
N LEU A 228 -2.88 7.44 -0.15
CA LEU A 228 -2.95 8.88 0.05
C LEU A 228 -2.71 9.67 -1.23
N GLU A 229 -3.65 10.56 -1.52
CA GLU A 229 -3.57 11.45 -2.69
C GLU A 229 -3.51 12.85 -2.08
N LEU A 230 -2.31 13.42 -2.03
CA LEU A 230 -2.15 14.74 -1.42
C LEU A 230 -1.90 15.87 -2.42
N GLY A 231 -1.41 17.00 -1.92
CA GLY A 231 -1.18 18.11 -2.81
C GLY A 231 -0.08 17.95 -3.84
N GLY A 232 0.02 18.95 -4.69
CA GLY A 232 1.04 18.95 -5.72
C GLY A 232 1.48 20.37 -5.98
N ASP A 233 2.64 20.53 -6.60
CA ASP A 233 3.17 21.84 -6.93
C ASP A 233 3.87 21.55 -8.26
N ASP A 234 3.07 21.07 -9.20
CA ASP A 234 3.52 20.67 -10.53
C ASP A 234 4.30 21.66 -11.36
N ALA A 235 5.38 21.17 -11.95
CA ALA A 235 6.24 21.97 -12.79
C ALA A 235 5.80 21.85 -14.25
N PHE A 236 5.63 22.98 -14.91
CA PHE A 236 5.23 23.06 -16.32
C PHE A 236 6.51 23.55 -17.01
N ILE A 237 7.24 22.61 -17.63
CA ILE A 237 8.51 22.91 -18.30
C ILE A 237 8.42 23.17 -19.81
N ILE A 238 8.86 24.35 -20.22
CA ILE A 238 8.83 24.73 -21.62
C ILE A 238 10.22 24.62 -22.26
N LEU A 239 10.45 23.54 -23.00
CA LEU A 239 11.74 23.31 -23.66
C LEU A 239 11.99 24.29 -24.80
N ASP A 240 13.21 24.26 -25.35
CA ASP A 240 13.57 25.17 -26.45
C ASP A 240 12.82 24.96 -27.76
N ASP A 241 12.29 23.76 -27.98
CA ASP A 241 11.56 23.49 -29.21
C ASP A 241 10.05 23.44 -28.99
N ALA A 242 9.58 24.17 -27.99
CA ALA A 242 8.16 24.21 -27.69
C ALA A 242 7.39 24.97 -28.78
N ASP A 243 6.19 24.49 -29.08
CA ASP A 243 5.32 25.13 -30.06
C ASP A 243 4.50 26.15 -29.27
N TRP A 244 4.83 27.43 -29.41
CA TRP A 244 4.13 28.47 -28.68
C TRP A 244 2.69 28.73 -29.11
N ASP A 245 2.31 28.28 -30.29
CA ASP A 245 0.94 28.47 -30.73
C ASP A 245 0.06 27.56 -29.87
N GLN A 246 0.51 26.32 -29.70
CA GLN A 246 -0.22 25.37 -28.86
C GLN A 246 -0.12 25.78 -27.39
N LEU A 247 1.02 26.35 -27.02
CA LEU A 247 1.23 26.77 -25.64
C LEU A 247 0.17 27.78 -25.20
N GLU A 248 -0.08 28.77 -26.05
CA GLU A 248 -1.07 29.80 -25.71
C GLU A 248 -2.46 29.23 -25.53
N LYS A 249 -2.77 28.14 -26.24
CA LYS A 249 -4.08 27.52 -26.15
C LYS A 249 -4.37 26.78 -24.85
N VAL A 250 -3.35 26.31 -24.16
CA VAL A 250 -3.56 25.58 -22.91
C VAL A 250 -3.33 26.38 -21.63
N LEU A 251 -2.62 27.51 -21.73
CA LEU A 251 -2.30 28.30 -20.54
C LEU A 251 -3.44 28.64 -19.59
N TYR A 252 -4.55 29.17 -20.10
CA TYR A 252 -5.65 29.52 -19.22
C TYR A 252 -6.11 28.32 -18.41
N PHE A 253 -6.35 27.21 -19.09
CA PHE A 253 -6.79 25.99 -18.43
C PHE A 253 -5.76 25.46 -17.43
N SER A 254 -4.50 25.45 -17.84
CA SER A 254 -3.41 24.93 -17.01
C SER A 254 -3.30 25.48 -15.59
N ARG A 255 -3.62 26.75 -15.41
CA ARG A 255 -3.50 27.35 -14.09
C ARG A 255 -4.77 27.97 -13.51
N LEU A 256 -5.72 28.37 -14.37
CA LEU A 256 -6.94 29.01 -13.89
C LEU A 256 -8.19 28.13 -13.86
N TYR A 257 -8.06 26.88 -14.29
CA TYR A 257 -9.19 25.96 -14.26
C TYR A 257 -9.51 25.74 -12.77
N ASN A 258 -10.80 25.79 -12.44
CA ASN A 258 -11.27 25.64 -11.06
C ASN A 258 -10.59 26.69 -10.17
N ALA A 259 -10.27 27.83 -10.78
CA ALA A 259 -9.61 28.95 -10.10
C ALA A 259 -8.28 28.53 -9.47
N GLY A 260 -7.62 27.56 -10.09
CA GLY A 260 -6.33 27.09 -9.59
C GLY A 260 -6.40 26.12 -8.43
N GLN A 261 -7.62 25.76 -8.02
CA GLN A 261 -7.81 24.83 -6.92
C GLN A 261 -7.78 23.39 -7.44
N VAL A 262 -6.63 23.01 -7.96
CA VAL A 262 -6.43 21.67 -8.51
C VAL A 262 -5.06 21.19 -8.07
N CYS A 263 -5.00 19.98 -7.51
CA CYS A 263 -3.71 19.44 -7.06
C CYS A 263 -2.73 19.31 -8.22
N THR A 264 -3.25 19.06 -9.42
CA THR A 264 -2.39 18.94 -10.60
C THR A 264 -2.38 20.21 -11.44
N SER A 265 -2.68 21.33 -10.80
CA SER A 265 -2.67 22.62 -11.49
C SER A 265 -1.20 22.89 -11.87
N SER A 266 -0.97 23.68 -12.91
CA SER A 266 0.38 23.98 -13.35
C SER A 266 0.90 25.16 -12.53
N LYS A 267 1.20 24.88 -11.26
CA LYS A 267 1.64 25.89 -10.31
C LYS A 267 3.02 26.50 -10.53
N ARG A 268 3.97 25.75 -11.07
CA ARG A 268 5.31 26.27 -11.29
C ARG A 268 5.72 26.26 -12.76
N PHE A 269 5.69 27.41 -13.40
CA PHE A 269 6.11 27.49 -14.80
C PHE A 269 7.62 27.64 -14.84
N ILE A 270 8.28 26.79 -15.61
CA ILE A 270 9.74 26.82 -15.74
C ILE A 270 10.13 27.15 -17.18
N VAL A 271 10.70 28.34 -17.36
CA VAL A 271 11.08 28.79 -18.69
C VAL A 271 12.54 29.16 -18.85
N LEU A 272 13.04 29.03 -20.08
CA LEU A 272 14.42 29.35 -20.41
C LEU A 272 14.62 30.85 -20.54
N ASP A 273 15.85 31.30 -20.28
CA ASP A 273 16.22 32.71 -20.36
C ASP A 273 15.70 33.42 -21.61
N LYS A 274 15.98 32.83 -22.78
CA LYS A 274 15.57 33.40 -24.05
C LYS A 274 14.06 33.56 -24.20
N ASP A 275 13.27 32.78 -23.47
CA ASP A 275 11.81 32.87 -23.56
C ASP A 275 11.18 33.55 -22.36
N TYR A 276 12.01 33.92 -21.38
CA TYR A 276 11.51 34.54 -20.16
C TYR A 276 10.59 35.74 -20.33
N ASP A 277 11.05 36.77 -21.04
CA ASP A 277 10.24 37.96 -21.25
C ASP A 277 9.03 37.65 -22.11
N ARG A 278 9.21 36.78 -23.09
CA ARG A 278 8.12 36.41 -23.99
C ARG A 278 7.01 35.72 -23.20
N PHE A 279 7.40 34.86 -22.28
CA PHE A 279 6.42 34.13 -21.47
C PHE A 279 5.70 35.03 -20.46
N LYS A 280 6.44 35.95 -19.83
CA LYS A 280 5.81 36.85 -18.86
C LYS A 280 4.71 37.66 -19.54
N GLU A 281 4.97 38.05 -20.78
CA GLU A 281 4.02 38.82 -21.57
C GLU A 281 2.85 37.95 -22.02
N LEU A 282 3.13 36.72 -22.43
CA LEU A 282 2.08 35.81 -22.87
C LEU A 282 1.16 35.37 -21.73
N LEU A 283 1.73 35.10 -20.56
CA LEU A 283 0.92 34.67 -19.44
C LEU A 283 0.05 35.83 -18.95
N THR A 284 0.61 37.04 -19.01
CA THR A 284 -0.13 38.23 -18.58
C THR A 284 -1.31 38.44 -19.53
N LYS A 285 -1.04 38.32 -20.82
CA LYS A 285 -2.08 38.48 -21.83
C LYS A 285 -3.21 37.49 -21.57
N VAL A 286 -2.84 36.26 -21.25
CA VAL A 286 -3.82 35.21 -20.98
C VAL A 286 -4.63 35.50 -19.72
N PHE A 287 -3.93 35.82 -18.63
CA PHE A 287 -4.59 36.11 -17.36
C PHE A 287 -5.53 37.30 -17.44
N LYS A 288 -5.23 38.22 -18.35
CA LYS A 288 -6.06 39.41 -18.52
C LYS A 288 -7.44 39.12 -19.09
N THR A 289 -7.60 37.98 -19.76
CA THR A 289 -8.89 37.62 -20.35
C THR A 289 -9.89 37.11 -19.32
N ALA A 290 -9.43 36.84 -18.11
CA ALA A 290 -10.30 36.33 -17.06
C ALA A 290 -11.46 37.25 -16.74
N LYS A 291 -12.65 36.67 -16.63
CA LYS A 291 -13.84 37.43 -16.31
C LYS A 291 -14.53 36.77 -15.13
N TRP A 292 -14.36 37.36 -13.96
CA TRP A 292 -14.95 36.82 -12.74
C TRP A 292 -16.36 37.32 -12.47
N GLY A 293 -17.12 36.50 -11.75
CA GLY A 293 -18.49 36.86 -11.43
C GLY A 293 -19.32 35.63 -11.10
N ASP A 294 -20.64 35.78 -11.21
CA ASP A 294 -21.59 34.71 -10.95
C ASP A 294 -21.15 33.41 -11.64
N PRO A 295 -20.80 32.38 -10.85
CA PRO A 295 -20.37 31.10 -11.45
C PRO A 295 -21.44 30.37 -12.25
N MET A 296 -22.71 30.75 -12.06
CA MET A 296 -23.82 30.13 -12.79
C MET A 296 -23.96 30.78 -14.17
N ASP A 297 -23.34 31.94 -14.35
CA ASP A 297 -23.42 32.65 -15.63
C ASP A 297 -22.43 32.05 -16.63
N PRO A 298 -22.94 31.54 -17.76
CA PRO A 298 -22.09 30.93 -18.80
C PRO A 298 -20.98 31.85 -19.33
N GLU A 299 -21.06 33.13 -19.01
CA GLU A 299 -20.05 34.08 -19.47
C GLU A 299 -18.88 34.21 -18.49
N THR A 300 -19.11 33.86 -17.23
CA THR A 300 -18.06 33.93 -16.23
C THR A 300 -16.98 32.92 -16.57
N THR A 301 -15.71 33.34 -16.47
CA THR A 301 -14.61 32.43 -16.78
C THR A 301 -13.64 32.29 -15.60
N LEU A 302 -14.06 32.79 -14.45
CA LEU A 302 -13.25 32.70 -13.23
C LEU A 302 -14.18 32.70 -12.05
N ALA A 303 -14.18 31.60 -11.31
CA ALA A 303 -15.04 31.46 -10.15
C ALA A 303 -14.40 32.03 -8.90
N PRO A 304 -15.18 32.19 -7.83
CA PRO A 304 -14.61 32.70 -6.57
C PRO A 304 -14.05 31.48 -5.87
N LEU A 305 -13.13 31.65 -4.92
CA LEU A 305 -12.57 30.49 -4.22
C LEU A 305 -13.66 29.82 -3.38
N SER A 306 -13.40 28.60 -2.91
CA SER A 306 -14.39 27.84 -2.15
C SER A 306 -14.86 28.39 -0.81
N SER A 307 -14.05 29.22 -0.15
CA SER A 307 -14.46 29.78 1.13
C SER A 307 -13.67 31.03 1.49
N ALA A 308 -14.11 31.72 2.54
CA ALA A 308 -13.44 32.93 3.00
C ALA A 308 -12.02 32.59 3.46
N GLN A 309 -11.87 31.45 4.12
CA GLN A 309 -10.57 31.01 4.62
C GLN A 309 -9.59 30.73 3.47
N ALA A 310 -10.10 30.10 2.40
CA ALA A 310 -9.27 29.78 1.25
C ALA A 310 -8.75 31.08 0.63
N LYS A 311 -9.63 32.06 0.49
CA LYS A 311 -9.26 33.36 -0.06
C LYS A 311 -8.19 34.01 0.80
N ALA A 312 -8.40 33.99 2.12
CA ALA A 312 -7.45 34.58 3.04
C ALA A 312 -6.07 33.94 2.91
N ASP A 313 -6.03 32.61 2.81
CA ASP A 313 -4.76 31.91 2.68
C ASP A 313 -4.01 32.29 1.40
N VAL A 314 -4.71 32.30 0.27
CA VAL A 314 -4.06 32.65 -0.99
C VAL A 314 -3.53 34.08 -0.96
N LEU A 315 -4.32 35.00 -0.44
CA LEU A 315 -3.88 36.38 -0.35
C LEU A 315 -2.64 36.50 0.55
N ASP A 316 -2.61 35.78 1.66
CA ASP A 316 -1.45 35.85 2.55
C ASP A 316 -0.21 35.27 1.89
N GLN A 317 -0.37 34.20 1.10
CA GLN A 317 0.76 33.58 0.43
C GLN A 317 1.34 34.55 -0.60
N ILE A 318 0.48 35.31 -1.26
CA ILE A 318 0.94 36.29 -2.24
C ILE A 318 1.73 37.38 -1.51
N LYS A 319 1.22 37.79 -0.35
CA LYS A 319 1.86 38.82 0.45
C LYS A 319 3.21 38.31 0.95
N LEU A 320 3.24 37.06 1.40
CA LEU A 320 4.48 36.45 1.90
C LEU A 320 5.54 36.41 0.80
N ALA A 321 5.14 35.98 -0.40
CA ALA A 321 6.06 35.89 -1.52
C ALA A 321 6.69 37.26 -1.80
N LEU A 322 5.84 38.29 -1.90
CA LEU A 322 6.31 39.63 -2.17
C LEU A 322 7.20 40.17 -1.04
N ASP A 323 6.80 39.92 0.22
CA ASP A 323 7.59 40.38 1.35
C ASP A 323 8.96 39.75 1.42
N HIS A 324 9.13 38.61 0.77
CA HIS A 324 10.43 37.94 0.79
C HIS A 324 11.24 38.11 -0.50
N GLY A 325 10.90 39.12 -1.30
CA GLY A 325 11.64 39.37 -2.53
C GLY A 325 11.04 39.06 -3.88
N ALA A 326 9.94 38.31 -3.93
CA ALA A 326 9.32 37.99 -5.21
C ALA A 326 8.89 39.24 -5.96
N GLU A 327 8.73 39.12 -7.27
CA GLU A 327 8.31 40.24 -8.10
C GLU A 327 6.86 40.08 -8.52
N LEU A 328 6.08 41.15 -8.42
CA LEU A 328 4.68 41.12 -8.82
C LEU A 328 4.61 41.47 -10.30
N VAL A 329 4.34 40.48 -11.14
CA VAL A 329 4.26 40.68 -12.57
C VAL A 329 2.90 41.21 -13.03
N TYR A 330 1.84 40.73 -12.38
CA TYR A 330 0.49 41.13 -12.76
C TYR A 330 -0.54 40.90 -11.65
N GLY A 331 -1.62 41.69 -11.69
CA GLY A 331 -2.68 41.56 -10.72
C GLY A 331 -2.32 41.90 -9.29
N GLY A 332 -2.82 41.10 -8.35
CA GLY A 332 -2.54 41.33 -6.95
C GLY A 332 -3.45 42.38 -6.36
N GLU A 333 -4.38 42.87 -7.18
CA GLU A 333 -5.33 43.90 -6.74
C GLU A 333 -6.59 43.28 -6.19
N ALA A 334 -7.04 43.78 -5.04
CA ALA A 334 -8.23 43.26 -4.39
C ALA A 334 -9.49 43.44 -5.23
N ILE A 335 -10.39 42.46 -5.14
CA ILE A 335 -11.66 42.53 -5.86
C ILE A 335 -12.74 42.90 -4.85
N ASP A 336 -13.47 43.96 -5.13
CA ASP A 336 -14.55 44.41 -4.24
C ASP A 336 -15.85 43.71 -4.57
N HIS A 337 -16.18 42.69 -3.80
CA HIS A 337 -17.40 41.93 -4.03
C HIS A 337 -17.61 40.95 -2.87
N PRO A 338 -18.87 40.69 -2.51
CA PRO A 338 -19.22 39.77 -1.41
C PRO A 338 -18.59 38.37 -1.52
N GLY A 339 -18.50 37.84 -2.74
CA GLY A 339 -17.94 36.51 -2.93
C GLY A 339 -16.45 36.43 -2.61
N HIS A 340 -15.95 35.21 -2.46
CA HIS A 340 -14.54 34.97 -2.13
C HIS A 340 -13.65 35.05 -3.35
N PHE A 341 -13.70 36.18 -4.05
CA PHE A 341 -12.91 36.40 -5.26
C PHE A 341 -11.45 36.82 -5.03
N VAL A 342 -10.57 36.27 -5.84
CA VAL A 342 -9.16 36.61 -5.85
C VAL A 342 -8.85 36.76 -7.34
N MET A 343 -8.28 37.89 -7.74
CA MET A 343 -8.00 38.07 -9.15
C MET A 343 -6.74 37.34 -9.58
N PRO A 344 -6.68 36.94 -10.86
CA PRO A 344 -5.50 36.23 -11.36
C PRO A 344 -4.26 37.06 -11.04
N THR A 345 -3.22 36.40 -10.56
CA THR A 345 -2.00 37.11 -10.18
C THR A 345 -0.77 36.35 -10.66
N ILE A 346 0.26 37.09 -11.08
CA ILE A 346 1.49 36.46 -11.55
C ILE A 346 2.69 36.98 -10.78
N ILE A 347 3.48 36.06 -10.22
CA ILE A 347 4.67 36.43 -9.48
C ILE A 347 5.88 35.75 -10.10
N ALA A 348 7.03 36.41 -10.00
CA ALA A 348 8.27 35.88 -10.53
C ALA A 348 9.39 36.27 -9.58
N GLY A 349 10.64 36.04 -9.99
CA GLY A 349 11.76 36.37 -9.14
C GLY A 349 11.75 35.56 -7.86
N LEU A 350 11.37 34.29 -7.97
CA LEU A 350 11.33 33.40 -6.82
C LEU A 350 12.70 32.79 -6.60
N THR A 351 13.10 32.72 -5.34
CA THR A 351 14.40 32.16 -4.99
C THR A 351 14.23 31.13 -3.87
N LYS A 352 15.18 30.22 -3.75
CA LYS A 352 15.13 29.17 -2.75
C LYS A 352 15.03 29.65 -1.30
N ASP A 353 15.40 30.90 -1.05
CA ASP A 353 15.31 31.43 0.31
C ASP A 353 13.92 32.01 0.58
N ASN A 354 13.13 32.13 -0.48
CA ASN A 354 11.76 32.64 -0.34
C ASN A 354 10.89 31.43 -0.03
N PRO A 355 10.12 31.49 1.07
CA PRO A 355 9.24 30.40 1.50
C PRO A 355 8.25 29.88 0.45
N ILE A 356 7.64 30.80 -0.30
CA ILE A 356 6.68 30.41 -1.33
C ILE A 356 7.28 29.52 -2.42
N TYR A 357 8.60 29.57 -2.58
CA TYR A 357 9.29 28.76 -3.58
C TYR A 357 8.93 27.28 -3.44
N TYR A 358 8.68 26.86 -2.21
CA TYR A 358 8.35 25.47 -1.91
C TYR A 358 6.89 25.23 -1.48
N GLN A 359 6.05 26.26 -1.55
CA GLN A 359 4.66 26.11 -1.13
C GLN A 359 3.66 25.99 -2.27
N GLU A 360 2.63 25.19 -2.03
CA GLU A 360 1.57 25.01 -3.01
C GLU A 360 0.57 26.14 -2.78
N ILE A 361 0.17 26.81 -3.86
CA ILE A 361 -0.81 27.87 -3.75
C ILE A 361 -2.08 27.42 -4.48
N PHE A 362 -3.10 27.10 -3.69
CA PHE A 362 -4.38 26.62 -4.21
C PHE A 362 -5.24 27.81 -4.63
N GLY A 363 -4.75 28.57 -5.60
CA GLY A 363 -5.46 29.74 -6.08
C GLY A 363 -4.99 30.14 -7.47
N PRO A 364 -5.55 31.22 -8.04
CA PRO A 364 -5.18 31.70 -9.39
C PRO A 364 -3.88 32.49 -9.41
N VAL A 365 -2.78 31.86 -9.03
CA VAL A 365 -1.49 32.55 -9.01
C VAL A 365 -0.44 31.89 -9.89
N GLY A 366 -0.11 32.55 -10.99
CA GLY A 366 0.91 32.02 -11.87
C GLY A 366 2.26 32.27 -11.22
N GLU A 367 3.19 31.33 -11.36
CA GLU A 367 4.52 31.45 -10.78
C GLU A 367 5.53 31.16 -11.88
N ILE A 368 6.45 32.09 -12.11
CA ILE A 368 7.45 31.91 -13.16
C ILE A 368 8.87 31.73 -12.64
N TYR A 369 9.48 30.58 -12.98
CA TYR A 369 10.86 30.26 -12.58
C TYR A 369 11.73 30.31 -13.84
N LYS A 370 12.85 31.05 -13.75
CA LYS A 370 13.75 31.18 -14.89
C LYS A 370 14.97 30.27 -14.78
N VAL A 371 15.27 29.54 -15.87
CA VAL A 371 16.42 28.65 -15.89
C VAL A 371 17.24 28.90 -17.17
N SER A 372 18.50 28.50 -17.16
CA SER A 372 19.37 28.74 -18.30
C SER A 372 19.61 27.49 -19.15
N SER A 373 19.18 26.34 -18.66
CA SER A 373 19.36 25.11 -19.43
C SER A 373 18.31 24.08 -19.06
N GLU A 374 18.28 23.02 -19.84
CA GLU A 374 17.33 21.93 -19.63
C GLU A 374 17.68 21.23 -18.31
N GLU A 375 18.98 21.06 -18.06
CA GLU A 375 19.43 20.43 -16.82
C GLU A 375 18.99 21.25 -15.61
N GLU A 376 19.02 22.57 -15.75
CA GLU A 376 18.61 23.45 -14.67
C GLU A 376 17.11 23.32 -14.47
N ALA A 377 16.39 23.13 -15.57
CA ALA A 377 14.94 22.97 -15.51
C ALA A 377 14.58 21.73 -14.71
N ILE A 378 15.29 20.64 -14.99
CA ILE A 378 15.06 19.39 -14.29
C ILE A 378 15.38 19.55 -12.81
N GLU A 379 16.47 20.26 -12.50
CA GLU A 379 16.85 20.48 -11.11
C GLU A 379 15.78 21.23 -10.33
N VAL A 380 15.24 22.29 -10.93
CA VAL A 380 14.21 23.08 -10.26
C VAL A 380 12.94 22.25 -10.09
N ALA A 381 12.56 21.52 -11.13
CA ALA A 381 11.36 20.69 -11.07
C ALA A 381 11.43 19.69 -9.93
N ASN A 382 12.60 19.08 -9.75
CA ASN A 382 12.78 18.10 -8.70
C ASN A 382 13.10 18.69 -7.32
N ASP A 383 13.40 19.99 -7.26
CA ASP A 383 13.69 20.60 -5.96
C ASP A 383 12.34 21.00 -5.38
N SER A 384 11.57 19.99 -4.99
CA SER A 384 10.22 20.19 -4.45
C SER A 384 9.90 19.06 -3.49
N ASN A 385 9.04 19.34 -2.52
CA ASN A 385 8.62 18.30 -1.57
C ASN A 385 7.43 17.54 -2.14
N TYR A 386 6.93 17.98 -3.30
CA TYR A 386 5.80 17.32 -3.94
C TYR A 386 6.26 16.59 -5.18
N GLY A 387 5.41 15.69 -5.67
CA GLY A 387 5.73 14.93 -6.87
C GLY A 387 4.48 14.30 -7.41
N LEU A 388 3.50 15.14 -7.73
CA LEU A 388 2.21 14.67 -8.24
C LEU A 388 2.16 14.62 -9.76
N GLY A 389 2.03 15.78 -10.40
CA GLY A 389 1.96 15.83 -11.85
C GLY A 389 3.10 16.60 -12.48
N GLY A 390 2.80 17.25 -13.60
CA GLY A 390 3.81 18.02 -14.30
C GLY A 390 3.59 17.96 -15.80
N THR A 391 4.11 18.96 -16.50
CA THR A 391 3.97 19.06 -17.94
C THR A 391 5.31 19.32 -18.63
N ILE A 392 5.51 18.71 -19.79
CA ILE A 392 6.72 18.92 -20.56
C ILE A 392 6.21 19.43 -21.91
N PHE A 393 6.59 20.64 -22.29
CA PHE A 393 6.15 21.21 -23.55
C PHE A 393 7.29 21.21 -24.56
N SER A 394 7.15 20.41 -25.61
CA SER A 394 8.17 20.28 -26.65
C SER A 394 7.55 19.72 -27.93
N SER A 395 8.00 20.22 -29.08
CA SER A 395 7.48 19.75 -30.35
C SER A 395 8.08 18.40 -30.75
N ASN A 396 9.13 17.99 -30.05
CA ASN A 396 9.78 16.71 -30.32
C ASN A 396 9.30 15.71 -29.27
N GLN A 397 8.49 14.75 -29.70
CA GLN A 397 7.93 13.75 -28.80
C GLN A 397 8.94 12.89 -28.04
N GLU A 398 9.98 12.41 -28.72
CA GLU A 398 10.97 11.58 -28.06
C GLU A 398 11.76 12.41 -27.05
N HIS A 399 11.95 13.68 -27.36
CA HIS A 399 12.67 14.59 -26.47
C HIS A 399 11.83 14.80 -25.20
N ALA A 400 10.55 15.09 -25.39
CA ALA A 400 9.64 15.31 -24.28
C ALA A 400 9.58 14.09 -23.38
N LYS A 401 9.54 12.91 -24.00
CA LYS A 401 9.49 11.66 -23.26
C LYS A 401 10.74 11.40 -22.44
N ALA A 402 11.90 11.79 -22.97
CA ALA A 402 13.18 11.60 -22.29
C ALA A 402 13.27 12.51 -21.06
N VAL A 403 12.89 13.77 -21.23
CA VAL A 403 12.92 14.72 -20.13
C VAL A 403 11.91 14.32 -19.06
N ALA A 404 10.73 13.87 -19.48
CA ALA A 404 9.69 13.49 -18.53
C ALA A 404 10.17 12.40 -17.57
N ALA A 405 10.91 11.44 -18.11
CA ALA A 405 11.43 10.34 -17.31
C ALA A 405 12.35 10.80 -16.18
N LYS A 406 13.03 11.92 -16.39
CA LYS A 406 13.94 12.44 -15.38
C LYS A 406 13.27 13.22 -14.26
N ILE A 407 11.98 13.50 -14.42
CA ILE A 407 11.26 14.25 -13.39
C ILE A 407 10.76 13.30 -12.31
N GLU A 408 11.07 13.63 -11.05
CA GLU A 408 10.63 12.80 -9.93
C GLU A 408 9.18 13.18 -9.61
N THR A 409 8.26 12.49 -10.26
CA THR A 409 6.83 12.73 -10.07
C THR A 409 6.08 11.49 -10.53
N GLY A 410 4.79 11.42 -10.17
CA GLY A 410 3.99 10.27 -10.56
C GLY A 410 3.34 10.39 -11.92
N MET A 411 3.17 11.62 -12.40
CA MET A 411 2.53 11.83 -13.70
C MET A 411 3.19 12.93 -14.52
N SER A 412 3.26 12.70 -15.83
CA SER A 412 3.84 13.68 -16.75
C SER A 412 2.92 13.84 -17.96
N PHE A 413 2.48 15.07 -18.19
CA PHE A 413 1.60 15.38 -19.31
C PHE A 413 2.36 16.11 -20.41
N ILE A 414 2.42 15.52 -21.59
CA ILE A 414 3.13 16.10 -22.72
C ILE A 414 2.30 17.11 -23.50
N ASN A 415 2.85 18.31 -23.67
CA ASN A 415 2.17 19.39 -24.39
C ASN A 415 0.74 19.66 -23.96
N SER A 416 0.46 19.52 -22.67
CA SER A 416 -0.88 19.77 -22.20
C SER A 416 -0.91 19.90 -20.69
N GLY A 417 -1.97 20.53 -20.17
CA GLY A 417 -2.15 20.66 -18.74
C GLY A 417 -2.57 19.29 -18.26
N TRP A 418 -3.03 19.18 -17.03
CA TRP A 418 -3.43 17.88 -16.50
C TRP A 418 -4.68 17.29 -17.14
N THR A 419 -4.79 15.97 -17.08
CA THR A 419 -5.93 15.24 -17.60
C THR A 419 -6.16 14.04 -16.69
N SER A 420 -7.42 13.68 -16.50
CA SER A 420 -7.74 12.52 -15.71
C SER A 420 -8.79 11.73 -16.48
N LEU A 421 -8.53 10.45 -16.67
CA LEU A 421 -9.45 9.56 -17.38
C LEU A 421 -9.49 8.26 -16.60
N PRO A 422 -10.59 7.51 -16.72
CA PRO A 422 -10.81 6.23 -16.03
C PRO A 422 -9.69 5.20 -16.25
N GLU A 423 -9.11 5.21 -17.44
CA GLU A 423 -8.06 4.26 -17.78
C GLU A 423 -6.64 4.68 -17.39
N LEU A 424 -6.48 5.90 -16.89
CA LEU A 424 -5.16 6.40 -16.49
C LEU A 424 -4.96 6.43 -14.98
N PRO A 425 -3.86 5.87 -14.49
CA PRO A 425 -3.59 5.86 -13.05
C PRO A 425 -3.26 7.27 -12.54
N PHE A 426 -3.80 7.60 -11.38
CA PHE A 426 -3.60 8.93 -10.79
C PHE A 426 -2.95 8.82 -9.42
N GLY A 427 -1.83 9.50 -9.22
CA GLY A 427 -1.14 9.45 -7.93
C GLY A 427 0.28 10.00 -8.03
N GLY A 428 0.93 10.19 -6.88
CA GLY A 428 2.28 10.74 -6.92
C GLY A 428 3.24 10.10 -5.92
N ILE A 429 4.30 10.84 -5.58
CA ILE A 429 5.31 10.37 -4.63
C ILE A 429 5.63 11.48 -3.64
N LYS A 430 6.64 11.28 -2.80
CA LYS A 430 7.04 12.26 -1.80
C LYS A 430 5.83 12.73 -1.00
N HIS A 431 5.73 14.04 -0.73
CA HIS A 431 4.59 14.54 0.04
C HIS A 431 3.25 14.53 -0.70
N SER A 432 3.26 14.10 -1.96
CA SER A 432 1.99 14.01 -2.71
C SER A 432 1.30 12.70 -2.34
N GLY A 433 1.96 11.88 -1.54
CA GLY A 433 1.36 10.62 -1.10
C GLY A 433 1.95 9.36 -1.71
N TYR A 434 1.14 8.30 -1.71
CA TYR A 434 1.54 7.01 -2.26
C TYR A 434 0.28 6.24 -2.64
N GLY A 435 0.43 5.29 -3.56
CA GLY A 435 -0.72 4.53 -4.00
C GLY A 435 -1.26 5.20 -5.25
N ARG A 436 -2.24 4.58 -5.89
CA ARG A 436 -2.82 5.14 -7.11
C ARG A 436 -4.33 4.92 -7.15
N GLU A 437 -5.05 5.77 -7.75
CA GLU A 437 -6.41 5.74 -8.05
C GLU A 437 -6.64 5.64 -9.50
N LEU A 438 -7.74 5.12 -9.93
CA LEU A 438 -8.07 4.87 -11.27
C LEU A 438 -7.24 3.79 -12.04
N SER A 439 -7.64 3.42 -13.18
CA SER A 439 -7.21 2.30 -13.95
C SER A 439 -7.25 1.02 -13.30
N GLU A 440 -6.55 0.07 -13.82
CA GLU A 440 -6.57 -1.20 -13.11
C GLU A 440 -5.73 -1.15 -11.83
N LEU A 441 -4.76 -0.23 -11.77
CA LEU A 441 -3.93 -0.11 -10.58
C LEU A 441 -4.74 0.32 -9.35
N GLY A 442 -5.64 1.29 -9.53
CA GLY A 442 -6.44 1.75 -8.41
C GLY A 442 -7.48 0.72 -8.00
N PHE A 443 -7.92 -0.06 -8.97
CA PHE A 443 -8.93 -1.10 -8.76
C PHE A 443 -8.52 -2.13 -7.72
N THR A 444 -7.23 -2.46 -7.64
CA THR A 444 -6.77 -3.47 -6.69
C THR A 444 -6.20 -2.97 -5.37
N SER A 445 -6.31 -1.68 -5.09
CA SER A 445 -5.76 -1.14 -3.84
C SER A 445 -6.27 -1.88 -2.62
N PHE A 446 -7.55 -2.25 -2.63
CA PHE A 446 -8.12 -2.96 -1.49
C PHE A 446 -8.70 -4.32 -1.82
N VAL A 447 -8.05 -5.04 -2.72
CA VAL A 447 -8.52 -6.38 -3.05
C VAL A 447 -7.51 -7.33 -2.44
N ASN A 448 -7.98 -8.50 -2.05
CA ASN A 448 -7.12 -9.52 -1.48
C ASN A 448 -6.68 -10.48 -2.59
N GLU A 449 -5.38 -10.51 -2.90
CA GLU A 449 -4.87 -11.45 -3.91
C GLU A 449 -4.68 -12.76 -3.17
N HIS A 450 -5.65 -13.64 -3.34
CA HIS A 450 -5.69 -14.93 -2.67
C HIS A 450 -5.02 -16.02 -3.51
N LEU A 451 -3.82 -16.39 -3.10
CA LEU A 451 -3.04 -17.43 -3.80
C LEU A 451 -3.60 -18.82 -3.55
N ILE A 452 -3.68 -19.60 -4.62
CA ILE A 452 -4.12 -20.98 -4.54
C ILE A 452 -2.96 -21.77 -5.13
N TYR A 453 -2.36 -22.66 -4.35
CA TYR A 453 -1.22 -23.43 -4.84
C TYR A 453 -1.37 -24.93 -4.68
N ILE A 454 -1.13 -25.67 -5.76
CA ILE A 454 -1.21 -27.13 -5.75
C ILE A 454 0.13 -27.66 -6.27
N PRO A 455 0.98 -28.18 -5.38
CA PRO A 455 2.27 -28.71 -5.85
C PRO A 455 2.13 -30.01 -6.64
N ASN A 456 3.06 -30.24 -7.55
CA ASN A 456 3.05 -31.47 -8.36
C ASN A 456 3.27 -32.68 -7.48
N ALA B 2 19.66 -5.80 23.70
CA ALA B 2 21.02 -5.83 23.09
C ALA B 2 21.10 -6.88 21.98
N TYR B 3 21.99 -6.65 21.02
CA TYR B 3 22.18 -7.58 19.91
C TYR B 3 23.23 -8.62 20.29
N GLN B 4 22.78 -9.85 20.50
CA GLN B 4 23.67 -10.94 20.88
C GLN B 4 23.33 -12.26 20.24
N THR B 5 24.35 -13.07 20.03
CA THR B 5 24.18 -14.41 19.49
C THR B 5 24.27 -15.36 20.68
N ILE B 6 23.13 -15.90 21.09
CA ILE B 6 23.07 -16.85 22.21
C ILE B 6 22.55 -18.18 21.69
N TYR B 7 23.47 -19.12 21.46
CA TYR B 7 23.12 -20.44 20.93
C TYR B 7 21.99 -21.08 21.75
N PRO B 8 20.81 -21.29 21.12
CA PRO B 8 19.65 -21.89 21.77
C PRO B 8 19.85 -23.30 22.33
N TYR B 9 20.83 -24.02 21.79
CA TYR B 9 21.11 -25.38 22.25
C TYR B 9 21.86 -25.43 23.58
N THR B 10 22.78 -24.49 23.78
CA THR B 10 23.58 -24.47 25.02
C THR B 10 23.35 -23.23 25.86
N ASN B 11 22.59 -22.28 25.32
CA ASN B 11 22.29 -21.02 26.00
C ASN B 11 23.60 -20.29 26.32
N GLU B 12 24.60 -20.48 25.45
CA GLU B 12 25.90 -19.85 25.62
C GLU B 12 26.00 -18.60 24.76
N VAL B 13 26.42 -17.48 25.36
CA VAL B 13 26.57 -16.24 24.62
C VAL B 13 27.83 -16.37 23.75
N LEU B 14 27.65 -16.26 22.44
CA LEU B 14 28.77 -16.39 21.51
C LEU B 14 29.35 -15.05 21.05
N HIS B 15 28.47 -14.12 20.68
CA HIS B 15 28.92 -12.81 20.22
C HIS B 15 28.04 -11.70 20.79
N THR B 16 28.64 -10.53 20.97
CA THR B 16 27.91 -9.37 21.44
C THR B 16 28.30 -8.22 20.53
N PHE B 17 27.31 -7.59 19.90
CA PHE B 17 27.58 -6.49 18.99
C PHE B 17 27.19 -5.17 19.62
N ASP B 18 27.89 -4.10 19.26
CA ASP B 18 27.58 -2.78 19.79
C ASP B 18 26.54 -2.10 18.90
N ASN B 19 25.72 -1.25 19.50
CA ASN B 19 24.70 -0.53 18.76
C ASN B 19 25.30 0.57 17.89
N MET B 20 24.67 0.83 16.75
CA MET B 20 25.12 1.88 15.85
C MET B 20 24.77 3.21 16.52
N THR B 21 25.62 4.22 16.33
CA THR B 21 25.38 5.54 16.93
C THR B 21 24.56 6.45 16.03
N ASP B 22 24.17 7.60 16.57
CA ASP B 22 23.38 8.57 15.81
C ASP B 22 24.16 9.06 14.61
N GLN B 23 25.46 9.32 14.79
CA GLN B 23 26.30 9.78 13.69
C GLN B 23 26.44 8.67 12.64
N GLY B 24 26.71 7.46 13.11
CA GLY B 24 26.83 6.33 12.19
C GLY B 24 25.58 6.16 11.36
N LEU B 25 24.41 6.29 11.99
CA LEU B 25 23.13 6.16 11.31
C LEU B 25 22.98 7.26 10.28
N ALA B 26 23.37 8.47 10.63
CA ALA B 26 23.28 9.60 9.71
C ALA B 26 24.18 9.38 8.51
N ASP B 27 25.38 8.85 8.72
CA ASP B 27 26.32 8.60 7.62
C ASP B 27 25.76 7.55 6.67
N VAL B 28 25.13 6.52 7.24
CA VAL B 28 24.54 5.45 6.45
C VAL B 28 23.37 5.94 5.59
N LEU B 29 22.51 6.76 6.17
CA LEU B 29 21.37 7.27 5.42
C LEU B 29 21.81 8.16 4.27
N GLU B 30 22.86 8.94 4.48
CA GLU B 30 23.35 9.83 3.44
C GLU B 30 23.98 9.02 2.30
N ARG B 31 24.75 8.00 2.67
CA ARG B 31 25.38 7.16 1.65
C ARG B 31 24.31 6.46 0.80
N ALA B 32 23.30 5.92 1.47
CA ALA B 32 22.22 5.22 0.79
C ALA B 32 21.46 6.17 -0.11
N HIS B 33 21.21 7.39 0.38
CA HIS B 33 20.49 8.38 -0.41
C HIS B 33 21.27 8.76 -1.67
N LEU B 34 22.58 8.88 -1.55
CA LEU B 34 23.39 9.25 -2.71
C LEU B 34 23.45 8.10 -3.71
N LEU B 35 23.44 6.88 -3.22
CA LEU B 35 23.48 5.71 -4.09
C LEU B 35 22.17 5.65 -4.88
N TYR B 36 21.07 6.02 -4.22
CA TYR B 36 19.78 6.04 -4.89
C TYR B 36 19.83 7.03 -6.05
N LYS B 37 20.40 8.21 -5.79
CA LYS B 37 20.51 9.24 -6.80
C LYS B 37 21.38 8.80 -7.97
N LYS B 38 22.47 8.12 -7.66
CA LYS B 38 23.39 7.64 -8.68
C LYS B 38 22.69 6.66 -9.61
N TRP B 39 21.94 5.72 -9.03
CA TRP B 39 21.23 4.73 -9.82
C TRP B 39 20.06 5.34 -10.58
N ARG B 40 19.55 6.46 -10.08
CA ARG B 40 18.43 7.11 -10.73
C ARG B 40 18.91 7.94 -11.90
N LYS B 41 20.14 8.44 -11.82
CA LYS B 41 20.70 9.27 -12.88
C LYS B 41 21.49 8.51 -13.93
N GLU B 42 22.06 7.37 -13.56
CA GLU B 42 22.84 6.57 -14.51
C GLU B 42 22.29 5.13 -14.54
N ASP B 43 22.43 4.48 -15.69
CA ASP B 43 21.96 3.10 -15.84
C ASP B 43 22.99 2.13 -15.30
N HIS B 44 22.66 1.48 -14.18
CA HIS B 44 23.54 0.50 -13.55
C HIS B 44 22.80 -0.81 -13.35
N LEU B 45 21.73 -1.00 -14.10
CA LEU B 45 20.92 -2.21 -13.98
C LEU B 45 21.67 -3.50 -14.28
N GLU B 46 22.41 -3.53 -15.38
CA GLU B 46 23.16 -4.74 -15.75
C GLU B 46 24.15 -5.15 -14.67
N GLU B 47 24.81 -4.17 -14.05
CA GLU B 47 25.77 -4.47 -13.01
C GLU B 47 25.03 -5.04 -11.80
N ARG B 48 23.89 -4.44 -11.45
CA ARG B 48 23.12 -4.92 -10.32
C ARG B 48 22.63 -6.34 -10.59
N LYS B 49 22.25 -6.63 -11.83
CA LYS B 49 21.79 -7.98 -12.18
C LYS B 49 22.93 -8.99 -12.02
N ALA B 50 24.11 -8.63 -12.50
CA ALA B 50 25.27 -9.51 -12.42
C ALA B 50 25.66 -9.68 -10.95
N GLN B 51 25.52 -8.62 -10.18
CA GLN B 51 25.86 -8.67 -8.76
C GLN B 51 24.88 -9.55 -7.97
N LEU B 52 23.60 -9.52 -8.33
CA LEU B 52 22.62 -10.34 -7.62
C LEU B 52 22.87 -11.81 -7.92
N HIS B 53 23.27 -12.12 -9.15
CA HIS B 53 23.59 -13.49 -9.52
C HIS B 53 24.81 -13.94 -8.71
N GLN B 54 25.74 -13.01 -8.49
CA GLN B 54 26.95 -13.33 -7.74
C GLN B 54 26.61 -13.62 -6.29
N VAL B 55 25.56 -12.97 -5.78
CA VAL B 55 25.14 -13.21 -4.40
C VAL B 55 24.66 -14.67 -4.33
N ALA B 56 23.92 -15.08 -5.36
CA ALA B 56 23.41 -16.45 -5.42
C ALA B 56 24.58 -17.45 -5.49
N ASN B 57 25.57 -17.14 -6.32
CA ASN B 57 26.72 -18.03 -6.47
C ASN B 57 27.49 -18.20 -5.16
N ILE B 58 27.70 -17.11 -4.43
CA ILE B 58 28.40 -17.17 -3.17
C ILE B 58 27.59 -17.98 -2.15
N LEU B 59 26.28 -17.76 -2.08
CA LEU B 59 25.44 -18.53 -1.16
C LEU B 59 25.56 -20.01 -1.49
N ARG B 60 25.53 -20.32 -2.78
CA ARG B 60 25.66 -21.69 -3.23
C ARG B 60 26.98 -22.25 -2.71
N ARG B 61 28.07 -21.58 -3.05
CA ARG B 61 29.41 -22.00 -2.65
C ARG B 61 29.64 -22.17 -1.15
N ASP B 62 29.18 -21.21 -0.35
CA ASP B 62 29.40 -21.29 1.10
C ASP B 62 28.15 -21.62 1.89
N ARG B 63 27.23 -22.37 1.26
CA ARG B 63 25.97 -22.73 1.91
C ARG B 63 26.11 -23.19 3.36
N ASP B 64 27.01 -24.13 3.61
CA ASP B 64 27.19 -24.65 4.96
C ASP B 64 27.60 -23.62 6.01
N LYS B 65 28.41 -22.64 5.62
CA LYS B 65 28.82 -21.65 6.61
C LYS B 65 27.65 -20.73 6.96
N TYR B 66 26.87 -20.35 5.95
CA TYR B 66 25.72 -19.48 6.20
C TYR B 66 24.66 -20.22 7.01
N ALA B 67 24.52 -21.51 6.71
CA ALA B 67 23.55 -22.36 7.41
C ALA B 67 23.87 -22.45 8.89
N GLU B 68 25.13 -22.76 9.20
CA GLU B 68 25.54 -22.88 10.60
C GLU B 68 25.34 -21.56 11.34
N ILE B 69 25.54 -20.45 10.65
CA ILE B 69 25.37 -19.14 11.27
C ILE B 69 23.92 -18.98 11.76
N MET B 70 22.97 -19.43 10.95
CA MET B 70 21.56 -19.34 11.34
C MET B 70 21.27 -20.28 12.50
N THR B 71 21.88 -21.45 12.48
CA THR B 71 21.67 -22.44 13.54
C THR B 71 22.19 -21.93 14.89
N LYS B 72 23.36 -21.31 14.87
CA LYS B 72 23.95 -20.80 16.10
C LYS B 72 23.21 -19.56 16.61
N ASP B 73 22.62 -18.79 15.70
CA ASP B 73 21.89 -17.58 16.08
C ASP B 73 20.54 -17.90 16.72
N MET B 74 19.68 -18.62 16.00
CA MET B 74 18.35 -18.91 16.52
C MET B 74 17.98 -20.40 16.69
N GLY B 75 18.98 -21.26 16.59
CA GLY B 75 18.79 -22.68 16.83
C GLY B 75 18.09 -23.63 15.87
N LYS B 76 17.81 -23.23 14.64
CA LYS B 76 17.13 -24.15 13.74
C LYS B 76 18.06 -25.25 13.24
N LEU B 77 17.48 -26.38 12.86
CA LEU B 77 18.25 -27.52 12.37
C LEU B 77 19.16 -27.09 11.22
N PHE B 78 20.40 -27.56 11.26
CA PHE B 78 21.37 -27.26 10.23
C PHE B 78 20.82 -27.64 8.86
N THR B 79 20.15 -28.79 8.77
CA THR B 79 19.58 -29.25 7.52
C THR B 79 18.49 -28.30 7.02
N GLU B 80 17.73 -27.72 7.94
CA GLU B 80 16.69 -26.77 7.57
C GLU B 80 17.37 -25.48 7.11
N ALA B 81 18.39 -25.07 7.86
CA ALA B 81 19.14 -23.86 7.54
C ALA B 81 19.71 -23.96 6.11
N GLN B 82 20.12 -25.15 5.71
CA GLN B 82 20.66 -25.33 4.36
C GLN B 82 19.53 -25.10 3.35
N GLY B 83 18.33 -25.54 3.71
CA GLY B 83 17.20 -25.37 2.82
C GLY B 83 16.88 -23.90 2.63
N GLU B 84 16.98 -23.12 3.71
CA GLU B 84 16.71 -21.70 3.63
C GLU B 84 17.67 -21.05 2.64
N VAL B 85 18.94 -21.40 2.74
CA VAL B 85 19.95 -20.84 1.84
C VAL B 85 19.60 -21.14 0.40
N ASP B 86 19.17 -22.36 0.10
CA ASP B 86 18.82 -22.73 -1.27
C ASP B 86 17.66 -21.91 -1.81
N LEU B 87 16.71 -21.56 -0.94
CA LEU B 87 15.57 -20.75 -1.37
C LEU B 87 16.08 -19.34 -1.65
N CYS B 88 16.98 -18.84 -0.80
CA CYS B 88 17.55 -17.52 -1.00
C CYS B 88 18.28 -17.45 -2.34
N ALA B 89 18.97 -18.52 -2.71
CA ALA B 89 19.69 -18.54 -3.98
C ALA B 89 18.68 -18.42 -5.12
N ASP B 90 17.57 -19.15 -5.01
CA ASP B 90 16.55 -19.09 -6.04
C ASP B 90 15.88 -17.72 -6.13
N ILE B 91 15.63 -17.09 -4.99
CA ILE B 91 15.01 -15.77 -5.02
C ILE B 91 15.94 -14.78 -5.71
N ALA B 92 17.23 -14.87 -5.38
CA ALA B 92 18.21 -13.97 -5.99
C ALA B 92 18.29 -14.17 -7.50
N ASP B 93 18.42 -15.41 -7.95
CA ASP B 93 18.49 -15.68 -9.39
C ASP B 93 17.22 -15.27 -10.11
N TYR B 94 16.08 -15.49 -9.46
CA TYR B 94 14.79 -15.15 -10.06
C TYR B 94 14.65 -13.67 -10.41
N TYR B 95 14.93 -12.77 -9.47
CA TYR B 95 14.79 -11.35 -9.76
C TYR B 95 15.87 -10.84 -10.71
N ALA B 96 17.03 -11.49 -10.72
CA ALA B 96 18.09 -11.09 -11.63
C ALA B 96 17.65 -11.42 -13.05
N ASP B 97 17.04 -12.60 -13.23
CA ASP B 97 16.57 -13.01 -14.55
C ASP B 97 15.33 -12.27 -15.02
N LYS B 98 14.41 -11.99 -14.10
CA LYS B 98 13.16 -11.30 -14.44
C LYS B 98 13.29 -9.79 -14.55
N ALA B 99 14.43 -9.26 -14.10
CA ALA B 99 14.70 -7.82 -14.12
C ALA B 99 14.18 -7.05 -15.33
N ASP B 100 14.69 -7.40 -16.51
CA ASP B 100 14.28 -6.70 -17.74
C ASP B 100 12.78 -6.72 -17.98
N GLU B 101 12.15 -7.87 -17.79
CA GLU B 101 10.72 -8.02 -17.99
C GLU B 101 9.94 -7.18 -16.98
N PHE B 102 10.31 -7.27 -15.71
CA PHE B 102 9.63 -6.52 -14.66
C PHE B 102 9.80 -5.01 -14.71
N LEU B 103 10.89 -4.55 -15.33
CA LEU B 103 11.13 -3.10 -15.43
C LEU B 103 10.62 -2.45 -16.72
N MET B 104 10.18 -3.27 -17.66
CA MET B 104 9.64 -2.77 -18.93
C MET B 104 8.51 -1.77 -18.70
N SER B 105 8.43 -0.76 -19.55
CA SER B 105 7.35 0.22 -19.43
C SER B 105 6.06 -0.50 -19.80
N THR B 106 4.94 -0.13 -19.19
CA THR B 106 3.66 -0.77 -19.45
C THR B 106 2.71 0.12 -20.24
N PRO B 107 2.31 -0.32 -21.45
CA PRO B 107 1.41 0.47 -22.28
C PRO B 107 0.03 0.50 -21.65
N LEU B 108 -0.70 1.60 -21.84
CA LEU B 108 -2.05 1.73 -21.30
C LEU B 108 -2.98 2.03 -22.47
N GLU B 109 -4.04 1.24 -22.61
CA GLU B 109 -4.97 1.45 -23.71
C GLU B 109 -5.88 2.64 -23.45
N THR B 110 -5.83 3.63 -24.34
CA THR B 110 -6.66 4.82 -24.23
C THR B 110 -6.93 5.31 -25.65
N ASP B 111 -8.14 5.79 -25.89
CA ASP B 111 -8.48 6.28 -27.23
C ASP B 111 -8.24 7.79 -27.37
N SER B 112 -7.77 8.40 -26.30
CA SER B 112 -7.50 9.83 -26.29
C SER B 112 -6.06 10.18 -26.69
N GLY B 113 -5.24 9.16 -26.88
CA GLY B 113 -3.86 9.39 -27.25
C GLY B 113 -2.97 8.23 -26.89
N GLN B 114 -1.69 8.51 -26.60
CA GLN B 114 -0.73 7.47 -26.23
C GLN B 114 -0.44 7.60 -24.74
N ALA B 115 -0.34 6.46 -24.06
CA ALA B 115 -0.04 6.48 -22.63
C ALA B 115 0.63 5.19 -22.21
N TYR B 116 1.46 5.29 -21.18
CA TYR B 116 2.17 4.15 -20.63
C TYR B 116 2.76 4.60 -19.31
N TYR B 117 3.32 3.69 -18.54
CA TYR B 117 3.95 4.11 -17.30
C TYR B 117 5.24 3.36 -17.06
N LEU B 118 6.20 4.07 -16.48
CA LEU B 118 7.51 3.51 -16.19
C LEU B 118 7.53 2.98 -14.77
N LYS B 119 8.46 2.07 -14.51
CA LYS B 119 8.62 1.50 -13.18
C LYS B 119 9.92 2.09 -12.65
N GLN B 120 9.84 3.20 -11.92
CA GLN B 120 11.03 3.84 -11.41
C GLN B 120 11.26 3.63 -9.92
N SER B 121 12.50 3.80 -9.49
CA SER B 121 12.84 3.65 -8.08
C SER B 121 12.30 4.87 -7.33
N THR B 122 12.16 4.75 -6.00
CA THR B 122 11.66 5.88 -5.21
C THR B 122 12.66 6.41 -4.18
N GLY B 123 13.44 5.52 -3.57
CA GLY B 123 14.40 5.97 -2.57
C GLY B 123 14.93 4.88 -1.65
N VAL B 124 15.33 5.29 -0.45
CA VAL B 124 15.86 4.36 0.54
C VAL B 124 14.72 3.68 1.28
N ILE B 125 14.76 2.35 1.33
CA ILE B 125 13.74 1.56 2.00
C ILE B 125 14.22 0.95 3.31
N LEU B 126 13.39 1.02 4.36
CA LEU B 126 13.72 0.43 5.64
C LEU B 126 13.00 -0.90 5.80
N ALA B 127 13.77 -1.95 6.06
CA ALA B 127 13.22 -3.27 6.27
C ALA B 127 13.40 -3.68 7.72
N VAL B 128 12.34 -4.18 8.33
CA VAL B 128 12.39 -4.64 9.72
C VAL B 128 12.03 -6.11 9.64
N GLU B 129 12.95 -6.97 10.10
CA GLU B 129 12.74 -8.41 9.99
C GLU B 129 12.81 -9.22 11.28
N PRO B 130 12.21 -10.42 11.25
CA PRO B 130 12.17 -11.34 12.40
C PRO B 130 13.26 -12.43 12.32
N TRP B 131 13.44 -13.16 13.41
CA TRP B 131 14.47 -14.20 13.50
C TRP B 131 14.12 -15.58 12.98
N ASN B 132 12.83 -15.87 12.77
CA ASN B 132 12.46 -17.22 12.32
C ASN B 132 13.10 -17.68 11.02
N PHE B 133 13.40 -16.75 10.11
CA PHE B 133 14.06 -17.10 8.84
C PHE B 133 15.01 -15.95 8.53
N PRO B 134 16.12 -15.86 9.28
CA PRO B 134 17.15 -14.83 9.16
C PRO B 134 17.51 -14.39 7.76
N TYR B 135 17.82 -15.35 6.88
CA TYR B 135 18.20 -15.01 5.52
C TYR B 135 17.03 -14.82 4.54
N TYR B 136 16.07 -15.73 4.56
CA TYR B 136 14.92 -15.64 3.67
C TYR B 136 14.15 -14.32 3.87
N GLN B 137 13.89 -13.95 5.14
CA GLN B 137 13.17 -12.71 5.42
C GLN B 137 13.85 -11.50 4.78
N ILE B 138 15.19 -11.51 4.76
CA ILE B 138 15.93 -10.40 4.18
C ILE B 138 15.88 -10.46 2.65
N MET B 139 16.23 -11.60 2.08
CA MET B 139 16.24 -11.76 0.63
C MET B 139 14.91 -11.46 -0.05
N ARG B 140 13.79 -11.79 0.61
CA ARG B 140 12.44 -11.54 0.09
C ARG B 140 12.24 -10.10 -0.34
N VAL B 141 12.83 -9.17 0.41
CA VAL B 141 12.68 -7.76 0.09
C VAL B 141 13.92 -7.13 -0.54
N PHE B 142 15.11 -7.63 -0.20
CA PHE B 142 16.34 -7.05 -0.77
C PHE B 142 16.45 -7.27 -2.27
N ALA B 143 16.29 -8.52 -2.71
CA ALA B 143 16.40 -8.86 -4.14
C ALA B 143 15.58 -7.98 -5.07
N PRO B 144 14.27 -7.86 -4.84
CA PRO B 144 13.47 -7.02 -5.74
C PRO B 144 13.81 -5.52 -5.68
N ASN B 145 14.00 -5.00 -4.47
CA ASN B 145 14.33 -3.59 -4.33
C ASN B 145 15.73 -3.25 -4.88
N PHE B 146 16.67 -4.18 -4.77
CA PHE B 146 18.01 -3.97 -5.28
C PHE B 146 17.93 -3.80 -6.79
N ILE B 147 17.20 -4.70 -7.45
CA ILE B 147 17.04 -4.63 -8.90
C ILE B 147 16.34 -3.34 -9.29
N VAL B 148 15.31 -2.98 -8.52
CA VAL B 148 14.56 -1.75 -8.77
C VAL B 148 15.48 -0.54 -8.68
N GLY B 149 16.39 -0.55 -7.70
CA GLY B 149 17.28 0.57 -7.54
C GLY B 149 16.99 1.33 -6.24
N ASN B 150 16.36 0.65 -5.29
CA ASN B 150 16.07 1.24 -3.99
C ASN B 150 17.10 0.74 -2.98
N PRO B 151 18.04 1.59 -2.55
CA PRO B 151 19.03 1.13 -1.56
C PRO B 151 18.24 0.72 -0.32
N MET B 152 18.78 -0.22 0.45
CA MET B 152 18.08 -0.69 1.63
C MET B 152 18.85 -0.61 2.96
N VAL B 153 18.11 -0.39 4.05
CA VAL B 153 18.70 -0.36 5.38
C VAL B 153 17.89 -1.38 6.17
N LEU B 154 18.58 -2.20 6.93
CA LEU B 154 17.95 -3.27 7.67
C LEU B 154 18.07 -3.25 9.19
N LYS B 155 16.94 -3.50 9.85
CA LYS B 155 16.90 -3.61 11.30
C LYS B 155 16.37 -5.02 11.53
N HIS B 156 17.27 -5.93 11.87
CA HIS B 156 16.94 -7.33 12.09
C HIS B 156 16.68 -7.61 13.57
N ALA B 157 16.23 -8.82 13.88
CA ALA B 157 15.93 -9.23 15.25
C ALA B 157 17.19 -9.19 16.12
N SER B 158 17.00 -8.92 17.41
CA SER B 158 18.12 -8.82 18.33
C SER B 158 18.84 -10.14 18.60
N ILE B 159 18.20 -11.27 18.30
CA ILE B 159 18.82 -12.56 18.55
C ILE B 159 19.53 -13.18 17.35
N CYS B 160 19.50 -12.52 16.20
CA CYS B 160 20.20 -13.05 15.03
C CYS B 160 21.09 -11.99 14.36
N PRO B 161 21.93 -11.30 15.16
CA PRO B 161 22.83 -10.26 14.66
C PRO B 161 23.91 -10.75 13.70
N ARG B 162 24.42 -11.94 13.94
CA ARG B 162 25.45 -12.50 13.08
C ARG B 162 24.89 -12.74 11.67
N SER B 163 23.63 -13.17 11.60
CA SER B 163 22.99 -13.40 10.31
C SER B 163 22.87 -12.08 9.58
N ALA B 164 22.36 -11.07 10.28
CA ALA B 164 22.17 -9.74 9.71
C ALA B 164 23.48 -9.15 9.20
N GLN B 165 24.49 -9.17 10.05
CA GLN B 165 25.80 -8.64 9.70
C GLN B 165 26.42 -9.36 8.50
N SER B 166 26.41 -10.69 8.54
CA SER B 166 26.99 -11.46 7.45
C SER B 166 26.24 -11.28 6.12
N PHE B 167 24.95 -10.97 6.18
CA PHE B 167 24.20 -10.77 4.93
C PHE B 167 24.72 -9.51 4.24
N GLU B 168 25.03 -8.49 5.02
CA GLU B 168 25.57 -7.25 4.46
C GLU B 168 26.92 -7.55 3.84
N GLU B 169 27.75 -8.29 4.56
CA GLU B 169 29.09 -8.65 4.06
C GLU B 169 28.99 -9.48 2.79
N LEU B 170 27.93 -10.28 2.69
CA LEU B 170 27.71 -11.13 1.52
C LEU B 170 27.49 -10.28 0.26
N VAL B 171 26.63 -9.27 0.39
CA VAL B 171 26.33 -8.40 -0.74
C VAL B 171 27.58 -7.62 -1.15
N LEU B 172 28.36 -7.18 -0.17
CA LEU B 172 29.58 -6.44 -0.46
C LEU B 172 30.54 -7.37 -1.21
N GLU B 173 30.69 -8.59 -0.71
CA GLU B 173 31.57 -9.56 -1.36
C GLU B 173 31.11 -9.88 -2.79
N ALA B 174 29.83 -9.71 -3.07
CA ALA B 174 29.31 -9.99 -4.42
C ALA B 174 29.69 -8.90 -5.42
N GLY B 175 30.23 -7.80 -4.91
CA GLY B 175 30.64 -6.71 -5.76
C GLY B 175 29.64 -5.56 -5.83
N ALA B 176 28.63 -5.59 -4.98
CA ALA B 176 27.63 -4.51 -4.97
C ALA B 176 28.22 -3.31 -4.27
N GLU B 177 27.78 -2.12 -4.65
CA GLU B 177 28.29 -0.91 -4.04
C GLU B 177 27.85 -0.78 -2.59
N ALA B 178 28.74 -0.24 -1.76
CA ALA B 178 28.47 -0.04 -0.34
C ALA B 178 27.21 0.83 -0.24
N GLY B 179 26.26 0.38 0.57
CA GLY B 179 25.03 1.12 0.71
C GLY B 179 23.88 0.42 0.01
N SER B 180 24.16 -0.61 -0.80
CA SER B 180 23.10 -1.35 -1.49
C SER B 180 22.16 -1.89 -0.41
N ILE B 181 22.76 -2.29 0.72
CA ILE B 181 22.03 -2.76 1.89
C ILE B 181 23.00 -2.60 3.04
N THR B 182 22.50 -2.05 4.15
CA THR B 182 23.32 -1.83 5.32
C THR B 182 22.57 -2.30 6.56
N ASN B 183 23.21 -3.13 7.37
CA ASN B 183 22.57 -3.62 8.58
C ASN B 183 22.65 -2.55 9.67
N LEU B 184 21.60 -2.42 10.46
CA LEU B 184 21.54 -1.41 11.51
C LEU B 184 21.26 -1.99 12.88
N PHE B 185 22.26 -1.96 13.78
CA PHE B 185 22.07 -2.46 15.13
C PHE B 185 21.55 -1.28 15.94
N ILE B 186 20.30 -0.93 15.71
CA ILE B 186 19.68 0.20 16.38
C ILE B 186 18.51 -0.14 17.29
N SER B 187 18.13 0.82 18.11
CA SER B 187 17.01 0.67 19.04
C SER B 187 15.68 1.03 18.37
N TYR B 188 14.58 0.86 19.09
CA TYR B 188 13.27 1.20 18.55
C TYR B 188 13.16 2.69 18.30
N ASP B 189 13.74 3.50 19.19
CA ASP B 189 13.72 4.95 19.01
C ASP B 189 14.44 5.35 17.74
N GLN B 190 15.59 4.73 17.49
CA GLN B 190 16.34 5.04 16.28
C GLN B 190 15.54 4.63 15.04
N VAL B 191 14.74 3.58 15.16
CA VAL B 191 13.92 3.13 14.02
C VAL B 191 12.90 4.21 13.68
N SER B 192 12.39 4.89 14.70
CA SER B 192 11.42 5.96 14.49
C SER B 192 12.09 7.12 13.76
N GLN B 193 13.35 7.39 14.12
CA GLN B 193 14.10 8.47 13.48
C GLN B 193 14.31 8.14 12.01
N VAL B 194 14.61 6.88 11.71
CA VAL B 194 14.83 6.46 10.33
C VAL B 194 13.56 6.67 9.51
N ILE B 195 12.43 6.27 10.08
CA ILE B 195 11.15 6.42 9.39
C ILE B 195 10.81 7.90 9.18
N ALA B 196 11.22 8.76 10.10
CA ALA B 196 10.95 10.19 9.97
C ALA B 196 11.94 10.93 9.09
N ASP B 197 13.05 10.28 8.73
CA ASP B 197 14.08 10.90 7.88
C ASP B 197 13.56 11.02 6.44
N LYS B 198 13.67 12.21 5.86
CA LYS B 198 13.19 12.44 4.50
C LYS B 198 13.86 11.57 3.42
N ARG B 199 15.03 11.04 3.72
CA ARG B 199 15.75 10.18 2.76
C ARG B 199 15.14 8.77 2.63
N VAL B 200 14.36 8.37 3.63
CA VAL B 200 13.69 7.06 3.66
C VAL B 200 12.27 7.21 3.08
N VAL B 201 11.95 6.43 2.05
CA VAL B 201 10.63 6.56 1.42
C VAL B 201 9.65 5.40 1.59
N GLY B 202 10.00 4.41 2.39
CA GLY B 202 9.10 3.29 2.56
C GLY B 202 9.59 2.33 3.62
N VAL B 203 8.68 1.52 4.16
CA VAL B 203 9.02 0.56 5.19
C VAL B 203 8.29 -0.75 5.00
N CYS B 204 9.02 -1.86 5.00
CA CYS B 204 8.42 -3.18 4.89
C CYS B 204 8.81 -3.96 6.14
N LEU B 205 7.80 -4.37 6.91
CA LEU B 205 8.05 -5.11 8.14
C LEU B 205 7.41 -6.49 8.18
N THR B 206 8.14 -7.43 8.78
CA THR B 206 7.64 -8.78 8.96
C THR B 206 7.85 -9.07 10.45
N GLY B 207 6.77 -9.40 11.15
CA GLY B 207 6.88 -9.67 12.57
C GLY B 207 5.57 -9.72 13.31
N SER B 208 5.61 -9.35 14.59
CA SER B 208 4.43 -9.37 15.45
C SER B 208 3.50 -8.18 15.24
N GLU B 209 2.28 -8.30 15.73
CA GLU B 209 1.27 -7.24 15.63
C GLU B 209 1.74 -5.97 16.34
N ARG B 210 2.30 -6.13 17.54
CA ARG B 210 2.78 -4.99 18.32
C ARG B 210 3.80 -4.18 17.53
N GLY B 211 4.83 -4.86 17.03
CA GLY B 211 5.84 -4.17 16.27
C GLY B 211 5.24 -3.55 15.02
N GLY B 212 4.36 -4.29 14.37
CA GLY B 212 3.70 -3.80 13.17
C GLY B 212 2.93 -2.52 13.40
N ALA B 213 2.17 -2.45 14.50
CA ALA B 213 1.37 -1.27 14.82
C ALA B 213 2.25 -0.06 15.11
N SER B 214 3.37 -0.29 15.80
CA SER B 214 4.29 0.79 16.15
C SER B 214 4.91 1.39 14.90
N ILE B 215 5.48 0.55 14.04
CA ILE B 215 6.11 1.00 12.82
C ILE B 215 5.12 1.64 11.84
N ALA B 216 3.96 1.01 11.64
CA ALA B 216 2.97 1.53 10.72
C ALA B 216 2.44 2.89 11.17
N GLU B 217 2.23 3.03 12.48
CA GLU B 217 1.75 4.29 13.03
C GLU B 217 2.79 5.40 12.79
N GLU B 218 4.06 5.07 13.00
CA GLU B 218 5.14 6.03 12.79
C GLU B 218 5.23 6.39 11.31
N ALA B 219 5.11 5.38 10.45
CA ALA B 219 5.18 5.60 9.01
C ALA B 219 4.03 6.48 8.54
N GLY B 220 2.84 6.22 9.08
CA GLY B 220 1.67 7.00 8.71
C GLY B 220 1.85 8.48 9.04
N LYS B 221 2.31 8.74 10.25
CA LYS B 221 2.57 10.09 10.71
C LYS B 221 3.52 10.83 9.76
N ASN B 222 4.40 10.07 9.11
CA ASN B 222 5.38 10.66 8.20
C ASN B 222 5.04 10.47 6.72
N LEU B 223 3.82 10.04 6.45
CA LEU B 223 3.34 9.85 5.09
C LEU B 223 4.17 8.82 4.31
N LYS B 224 4.70 7.81 4.98
CA LYS B 224 5.53 6.81 4.32
C LYS B 224 4.70 5.54 4.02
N LYS B 225 4.87 4.99 2.82
CA LYS B 225 4.15 3.78 2.43
C LYS B 225 4.73 2.57 3.16
N THR B 226 3.87 1.59 3.47
CA THR B 226 4.30 0.40 4.17
C THR B 226 3.64 -0.89 3.69
N THR B 227 4.26 -2.01 4.05
CA THR B 227 3.72 -3.34 3.76
C THR B 227 3.97 -4.10 5.06
N LEU B 228 3.00 -4.89 5.48
CA LEU B 228 3.12 -5.64 6.72
C LEU B 228 2.84 -7.13 6.58
N GLU B 229 3.81 -7.94 7.00
CA GLU B 229 3.69 -9.40 6.97
C GLU B 229 3.70 -9.79 8.43
N LEU B 230 2.51 -9.92 9.02
CA LEU B 230 2.40 -10.27 10.43
C LEU B 230 2.12 -11.76 10.60
N GLY B 231 1.80 -12.18 11.81
CA GLY B 231 1.56 -13.59 12.06
C GLY B 231 0.37 -14.26 11.38
N GLY B 232 0.19 -15.54 11.69
CA GLY B 232 -0.91 -16.30 11.14
C GLY B 232 -1.36 -17.38 12.09
N ASP B 233 -2.56 -17.91 11.87
CA ASP B 233 -3.09 -18.99 12.70
C ASP B 233 -3.85 -19.86 11.71
N ASP B 234 -3.13 -20.26 10.66
CA ASP B 234 -3.65 -21.04 9.55
C ASP B 234 -4.43 -22.31 9.87
N ALA B 235 -5.53 -22.50 9.14
CA ALA B 235 -6.38 -23.66 9.30
C ALA B 235 -5.97 -24.74 8.29
N PHE B 236 -5.84 -25.97 8.78
CA PHE B 236 -5.47 -27.12 7.95
C PHE B 236 -6.75 -27.97 7.97
N ILE B 237 -7.57 -27.80 6.93
CA ILE B 237 -8.85 -28.48 6.82
C ILE B 237 -8.79 -29.82 6.09
N ILE B 238 -9.25 -30.87 6.75
CA ILE B 238 -9.23 -32.20 6.15
C ILE B 238 -10.65 -32.58 5.73
N LEU B 239 -10.90 -32.59 4.43
CA LEU B 239 -12.22 -32.90 3.91
C LEU B 239 -12.51 -34.40 3.89
N ASP B 240 -13.73 -34.75 3.51
CA ASP B 240 -14.16 -36.15 3.48
C ASP B 240 -13.37 -37.05 2.53
N ASP B 241 -12.94 -36.53 1.39
CA ASP B 241 -12.19 -37.37 0.45
C ASP B 241 -10.67 -37.18 0.54
N ALA B 242 -10.16 -36.92 1.73
CA ALA B 242 -8.73 -36.73 1.92
C ALA B 242 -7.98 -38.06 1.78
N ASP B 243 -6.82 -37.98 1.15
CA ASP B 243 -5.95 -39.15 0.97
C ASP B 243 -5.11 -39.24 2.24
N TRP B 244 -5.45 -40.15 3.13
CA TRP B 244 -4.73 -40.29 4.39
C TRP B 244 -3.29 -40.77 4.31
N ASP B 245 -2.91 -41.36 3.19
CA ASP B 245 -1.54 -41.81 3.03
C ASP B 245 -0.69 -40.58 2.74
N GLN B 246 -1.22 -39.70 1.89
CA GLN B 246 -0.54 -38.47 1.54
C GLN B 246 -0.50 -37.56 2.76
N LEU B 247 -1.59 -37.58 3.53
CA LEU B 247 -1.71 -36.76 4.73
C LEU B 247 -0.60 -37.04 5.74
N GLU B 248 -0.36 -38.33 5.98
CA GLU B 248 0.65 -38.75 6.94
C GLU B 248 2.05 -38.32 6.51
N LYS B 249 2.28 -38.21 5.21
CA LYS B 249 3.59 -37.82 4.71
C LYS B 249 3.94 -36.34 4.97
N VAL B 250 2.93 -35.48 5.05
CA VAL B 250 3.18 -34.06 5.26
C VAL B 250 2.97 -33.52 6.67
N LEU B 251 2.32 -34.30 7.53
CA LEU B 251 2.04 -33.85 8.89
C LEU B 251 3.20 -33.34 9.73
N TYR B 252 4.32 -34.06 9.73
CA TYR B 252 5.46 -33.65 10.54
C TYR B 252 5.93 -32.25 10.12
N PHE B 253 6.09 -32.08 8.81
CA PHE B 253 6.53 -30.82 8.25
C PHE B 253 5.52 -29.69 8.52
N SER B 254 4.24 -30.01 8.31
CA SER B 254 3.17 -29.05 8.50
C SER B 254 3.15 -28.28 9.82
N ARG B 255 3.52 -28.95 10.91
CA ARG B 255 3.48 -28.28 12.20
C ARG B 255 4.80 -28.26 12.99
N LEU B 256 5.71 -29.17 12.70
CA LEU B 256 6.97 -29.24 13.44
C LEU B 256 8.19 -28.68 12.73
N TYR B 257 8.01 -28.20 11.51
CA TYR B 257 9.10 -27.61 10.77
C TYR B 257 9.52 -26.34 11.51
N ASN B 258 10.82 -26.16 11.70
CA ASN B 258 11.36 -25.00 12.41
C ASN B 258 10.72 -24.93 13.80
N ALA B 259 10.42 -26.11 14.34
CA ALA B 259 9.80 -26.26 15.66
C ALA B 259 8.46 -25.52 15.80
N GLY B 260 7.75 -25.38 14.70
CA GLY B 260 6.46 -24.70 14.72
C GLY B 260 6.54 -23.18 14.70
N GLN B 261 7.77 -22.66 14.60
CA GLN B 261 7.97 -21.22 14.57
C GLN B 261 7.90 -20.69 13.14
N VAL B 262 6.73 -20.87 12.52
CA VAL B 262 6.49 -20.45 11.15
C VAL B 262 5.14 -19.72 11.12
N CYS B 263 5.09 -18.57 10.47
CA CYS B 263 3.84 -17.83 10.42
C CYS B 263 2.76 -18.60 9.67
N THR B 264 3.18 -19.39 8.68
CA THR B 264 2.23 -20.21 7.91
C THR B 264 2.26 -21.65 8.37
N SER B 265 2.61 -21.86 9.64
CA SER B 265 2.62 -23.20 10.20
C SER B 265 1.14 -23.63 10.26
N SER B 266 0.88 -24.93 10.20
CA SER B 266 -0.50 -25.43 10.25
C SER B 266 -0.94 -25.50 11.70
N LYS B 267 -1.25 -24.34 12.28
CA LYS B 267 -1.62 -24.28 13.69
C LYS B 267 -3.00 -24.78 14.12
N ARG B 268 -3.96 -24.76 13.20
CA ARG B 268 -5.31 -25.23 13.53
C ARG B 268 -5.78 -26.35 12.61
N PHE B 269 -5.76 -27.58 13.12
CA PHE B 269 -6.22 -28.71 12.34
C PHE B 269 -7.73 -28.83 12.52
N ILE B 270 -8.45 -28.77 11.40
CA ILE B 270 -9.90 -28.85 11.41
C ILE B 270 -10.31 -30.18 10.78
N VAL B 271 -10.87 -31.07 11.61
CA VAL B 271 -11.26 -32.41 11.19
C VAL B 271 -12.72 -32.76 11.45
N LEU B 272 -13.28 -33.61 10.60
CA LEU B 272 -14.66 -34.06 10.72
C LEU B 272 -14.82 -35.08 11.86
N ASP B 273 -16.03 -35.16 12.41
CA ASP B 273 -16.35 -36.10 13.49
C ASP B 273 -15.88 -37.52 13.18
N LYS B 274 -16.23 -38.00 11.98
CA LYS B 274 -15.89 -39.34 11.56
C LYS B 274 -14.39 -39.61 11.56
N ASP B 275 -13.59 -38.56 11.38
CA ASP B 275 -12.13 -38.71 11.35
C ASP B 275 -11.42 -38.27 12.61
N TYR B 276 -12.15 -37.65 13.53
CA TYR B 276 -11.59 -37.16 14.77
C TYR B 276 -10.65 -38.10 15.53
N ASP B 277 -11.17 -39.25 15.96
CA ASP B 277 -10.35 -40.21 16.69
C ASP B 277 -9.18 -40.68 15.86
N ARG B 278 -9.43 -40.93 14.59
CA ARG B 278 -8.40 -41.41 13.69
C ARG B 278 -7.26 -40.38 13.58
N PHE B 279 -7.63 -39.10 13.49
CA PHE B 279 -6.62 -38.06 13.38
C PHE B 279 -5.83 -37.91 14.68
N LYS B 280 -6.51 -38.04 15.82
CA LYS B 280 -5.83 -37.93 17.11
C LYS B 280 -4.73 -38.98 17.19
N GLU B 281 -5.05 -40.19 16.78
CA GLU B 281 -4.08 -41.29 16.80
C GLU B 281 -2.93 -40.98 15.86
N LEU B 282 -3.26 -40.58 14.63
CA LEU B 282 -2.25 -40.28 13.62
C LEU B 282 -1.30 -39.13 14.00
N LEU B 283 -1.85 -38.01 14.45
CA LEU B 283 -1.01 -36.88 14.82
C LEU B 283 -0.11 -37.28 15.99
N THR B 284 -0.64 -38.06 16.91
CA THR B 284 0.12 -38.53 18.06
C THR B 284 1.27 -39.42 17.58
N LYS B 285 0.97 -40.29 16.63
CA LYS B 285 1.98 -41.20 16.08
C LYS B 285 3.11 -40.41 15.40
N VAL B 286 2.74 -39.40 14.62
CA VAL B 286 3.72 -38.58 13.92
C VAL B 286 4.58 -37.78 14.88
N PHE B 287 3.94 -37.18 15.90
CA PHE B 287 4.66 -36.38 16.88
C PHE B 287 5.63 -37.20 17.73
N LYS B 288 5.34 -38.47 17.93
CA LYS B 288 6.21 -39.33 18.74
C LYS B 288 7.54 -39.64 18.07
N THR B 289 7.64 -39.40 16.76
CA THR B 289 8.87 -39.67 16.03
C THR B 289 9.89 -38.54 16.17
N ALA B 290 9.48 -37.46 16.83
CA ALA B 290 10.36 -36.31 17.02
C ALA B 290 11.60 -36.65 17.86
N LYS B 291 12.77 -36.28 17.34
CA LYS B 291 14.02 -36.52 18.06
C LYS B 291 14.67 -35.17 18.33
N TRP B 292 14.52 -34.69 19.56
CA TRP B 292 15.11 -33.40 19.93
C TRP B 292 16.54 -33.56 20.40
N GLY B 293 17.36 -32.57 20.09
CA GLY B 293 18.76 -32.59 20.48
C GLY B 293 19.57 -31.57 19.68
N ASP B 294 20.89 -31.73 19.70
CA ASP B 294 21.78 -30.84 18.98
C ASP B 294 21.33 -30.61 17.53
N PRO B 295 20.98 -29.37 17.19
CA PRO B 295 20.52 -29.01 15.84
C PRO B 295 21.58 -29.16 14.75
N MET B 296 22.84 -29.29 15.15
CA MET B 296 23.92 -29.45 14.18
C MET B 296 24.03 -30.93 13.79
N ASP B 297 23.42 -31.78 14.60
CA ASP B 297 23.44 -33.21 14.37
C ASP B 297 22.38 -33.57 13.33
N PRO B 298 22.78 -34.21 12.23
CA PRO B 298 21.84 -34.59 11.17
C PRO B 298 20.82 -35.63 11.63
N GLU B 299 20.97 -36.10 12.86
CA GLU B 299 20.07 -37.10 13.43
C GLU B 299 18.86 -36.43 14.08
N THR B 300 19.05 -35.19 14.53
CA THR B 300 18.00 -34.44 15.19
C THR B 300 16.88 -34.06 14.23
N THR B 301 15.65 -34.15 14.70
CA THR B 301 14.50 -33.79 13.88
C THR B 301 13.62 -32.75 14.55
N LEU B 302 14.03 -32.31 15.74
CA LEU B 302 13.29 -31.28 16.46
C LEU B 302 14.29 -30.36 17.14
N ALA B 303 14.26 -29.08 16.78
CA ALA B 303 15.16 -28.11 17.34
C ALA B 303 14.60 -27.42 18.57
N PRO B 304 15.48 -26.75 19.34
CA PRO B 304 15.02 -26.04 20.54
C PRO B 304 14.45 -24.72 20.03
N LEU B 305 13.59 -24.07 20.82
CA LEU B 305 13.03 -22.79 20.39
C LEU B 305 14.16 -21.74 20.32
N SER B 306 13.87 -20.60 19.70
CA SER B 306 14.86 -19.54 19.51
C SER B 306 15.39 -18.83 20.76
N SER B 307 14.63 -18.85 21.86
CA SER B 307 15.08 -18.19 23.08
C SER B 307 14.34 -18.68 24.30
N ALA B 308 14.85 -18.34 25.48
CA ALA B 308 14.22 -18.75 26.73
C ALA B 308 12.84 -18.10 26.87
N GLN B 309 12.71 -16.88 26.37
CA GLN B 309 11.43 -16.18 26.45
C GLN B 309 10.42 -16.87 25.54
N ALA B 310 10.88 -17.32 24.37
CA ALA B 310 10.02 -18.02 23.42
C ALA B 310 9.46 -19.25 24.10
N LYS B 311 10.36 -20.04 24.69
CA LYS B 311 9.98 -21.25 25.40
C LYS B 311 8.97 -20.97 26.50
N ALA B 312 9.23 -19.93 27.30
CA ALA B 312 8.33 -19.57 28.39
C ALA B 312 6.94 -19.20 27.88
N ASP B 313 6.88 -18.48 26.77
CA ASP B 313 5.59 -18.08 26.21
C ASP B 313 4.78 -19.28 25.74
N VAL B 314 5.41 -20.21 25.03
CA VAL B 314 4.72 -21.39 24.53
C VAL B 314 4.17 -22.22 25.69
N LEU B 315 5.01 -22.46 26.70
CA LEU B 315 4.59 -23.24 27.86
C LEU B 315 3.44 -22.58 28.61
N ASP B 316 3.43 -21.25 28.64
CA ASP B 316 2.35 -20.54 29.31
C ASP B 316 1.06 -20.64 28.50
N GLN B 317 1.19 -20.60 27.18
CA GLN B 317 0.00 -20.72 26.32
C GLN B 317 -0.60 -22.11 26.47
N ILE B 318 0.26 -23.12 26.60
CA ILE B 318 -0.21 -24.49 26.77
C ILE B 318 -0.96 -24.62 28.09
N LYS B 319 -0.39 -24.03 29.14
CA LYS B 319 -1.00 -24.06 30.47
C LYS B 319 -2.32 -23.31 30.46
N LEU B 320 -2.34 -22.16 29.79
CA LEU B 320 -3.54 -21.35 29.70
C LEU B 320 -4.66 -22.12 29.04
N ALA B 321 -4.33 -22.84 27.96
CA ALA B 321 -5.29 -23.64 27.23
C ALA B 321 -5.93 -24.68 28.14
N LEU B 322 -5.08 -25.45 28.81
CA LEU B 322 -5.55 -26.49 29.72
C LEU B 322 -6.35 -25.92 30.90
N ASP B 323 -5.95 -24.76 31.41
CA ASP B 323 -6.66 -24.17 32.53
C ASP B 323 -8.05 -23.68 32.12
N HIS B 324 -8.29 -23.54 30.82
CA HIS B 324 -9.58 -23.09 30.36
C HIS B 324 -10.42 -24.16 29.68
N GLY B 325 -10.13 -25.42 29.95
CA GLY B 325 -10.94 -26.49 29.38
C GLY B 325 -10.36 -27.38 28.30
N ALA B 326 -9.27 -26.97 27.67
CA ALA B 326 -8.69 -27.78 26.61
C ALA B 326 -8.24 -29.14 27.15
N GLU B 327 -8.13 -30.12 26.26
CA GLU B 327 -7.72 -31.45 26.64
C GLU B 327 -6.31 -31.77 26.15
N LEU B 328 -5.49 -32.34 27.02
CA LEU B 328 -4.13 -32.70 26.66
C LEU B 328 -4.18 -34.08 26.01
N VAL B 329 -3.84 -34.14 24.73
CA VAL B 329 -3.86 -35.40 24.01
C VAL B 329 -2.49 -36.08 23.98
N TYR B 330 -1.42 -35.29 23.98
CA TYR B 330 -0.08 -35.84 23.95
C TYR B 330 0.97 -34.82 24.38
N GLY B 331 2.06 -35.33 24.96
CA GLY B 331 3.15 -34.47 25.41
C GLY B 331 2.79 -33.57 26.58
N GLY B 332 3.38 -32.38 26.59
CA GLY B 332 3.11 -31.45 27.67
C GLY B 332 4.04 -31.58 28.86
N GLU B 333 5.06 -32.43 28.74
CA GLU B 333 6.00 -32.60 29.85
C GLU B 333 7.36 -32.00 29.52
N ALA B 334 7.94 -31.34 30.52
CA ALA B 334 9.23 -30.68 30.38
C ALA B 334 10.38 -31.57 29.95
N ILE B 335 11.32 -30.97 29.24
CA ILE B 335 12.51 -31.66 28.79
C ILE B 335 13.67 -31.07 29.57
N ASP B 336 14.37 -31.92 30.32
CA ASP B 336 15.49 -31.47 31.13
C ASP B 336 16.73 -31.32 30.26
N HIS B 337 17.12 -30.08 30.01
CA HIS B 337 18.29 -29.77 29.20
C HIS B 337 18.46 -28.27 29.16
N PRO B 338 19.71 -27.78 29.23
CA PRO B 338 19.96 -26.33 29.19
C PRO B 338 19.33 -25.63 27.99
N GLY B 339 19.22 -26.35 26.87
CA GLY B 339 18.62 -25.78 25.68
C GLY B 339 17.18 -25.38 25.89
N HIS B 340 16.66 -24.51 25.03
CA HIS B 340 15.28 -24.05 25.14
C HIS B 340 14.33 -25.02 24.44
N PHE B 341 14.33 -26.27 24.88
CA PHE B 341 13.48 -27.29 24.28
C PHE B 341 12.06 -27.37 24.82
N VAL B 342 11.14 -27.66 23.91
CA VAL B 342 9.72 -27.83 24.23
C VAL B 342 9.34 -29.06 23.44
N MET B 343 8.79 -30.08 24.09
CA MET B 343 8.43 -31.28 23.38
C MET B 343 7.12 -31.12 22.63
N PRO B 344 6.97 -31.86 21.52
CA PRO B 344 5.74 -31.79 20.73
C PRO B 344 4.55 -32.04 21.65
N THR B 345 3.57 -31.15 21.60
CA THR B 345 2.39 -31.26 22.45
C THR B 345 1.14 -31.15 21.58
N ILE B 346 0.08 -31.85 21.97
CA ILE B 346 -1.16 -31.81 21.21
C ILE B 346 -2.35 -31.57 22.14
N ILE B 347 -3.19 -30.60 21.79
CA ILE B 347 -4.36 -30.29 22.59
C ILE B 347 -5.60 -30.31 21.70
N ALA B 348 -6.75 -30.57 22.32
CA ALA B 348 -8.01 -30.60 21.60
C ALA B 348 -9.09 -30.16 22.58
N GLY B 349 -10.34 -30.34 22.19
CA GLY B 349 -11.42 -29.92 23.07
C GLY B 349 -11.36 -28.42 23.26
N LEU B 350 -11.05 -27.72 22.18
CA LEU B 350 -10.96 -26.26 22.20
C LEU B 350 -12.31 -25.66 21.88
N THR B 351 -12.71 -24.66 22.66
CA THR B 351 -13.99 -23.99 22.48
C THR B 351 -13.76 -22.49 22.33
N LYS B 352 -14.72 -21.80 21.70
CA LYS B 352 -14.62 -20.36 21.49
C LYS B 352 -14.46 -19.58 22.79
N ASP B 353 -14.79 -20.22 23.90
CA ASP B 353 -14.71 -19.57 25.21
C ASP B 353 -13.27 -19.61 25.74
N ASN B 354 -12.43 -20.42 25.08
CA ASN B 354 -11.04 -20.57 25.48
C ASN B 354 -10.15 -19.55 24.74
N PRO B 355 -9.38 -18.75 25.49
CA PRO B 355 -8.50 -17.74 24.90
C PRO B 355 -7.56 -18.28 23.81
N ILE B 356 -7.00 -19.46 24.03
CA ILE B 356 -6.08 -20.05 23.06
C ILE B 356 -6.74 -20.34 21.70
N TYR B 357 -8.06 -20.44 21.70
CA TYR B 357 -8.81 -20.71 20.47
C TYR B 357 -8.49 -19.68 19.40
N TYR B 358 -8.18 -18.46 19.86
CA TYR B 358 -7.89 -17.34 18.96
C TYR B 358 -6.43 -16.89 18.97
N GLN B 359 -5.58 -17.57 19.73
CA GLN B 359 -4.18 -17.19 19.81
C GLN B 359 -3.23 -18.03 18.96
N GLU B 360 -2.22 -17.37 18.42
CA GLU B 360 -1.21 -18.04 17.62
C GLU B 360 -0.17 -18.59 18.60
N ILE B 361 0.23 -19.84 18.40
CA ILE B 361 1.23 -20.47 19.26
C ILE B 361 2.46 -20.73 18.39
N PHE B 362 3.51 -19.94 18.60
CA PHE B 362 4.74 -20.08 17.82
C PHE B 362 5.62 -21.20 18.39
N GLY B 363 5.09 -22.41 18.39
CA GLY B 363 5.82 -23.56 18.91
C GLY B 363 5.26 -24.89 18.42
N PRO B 364 5.87 -26.02 18.82
CA PRO B 364 5.45 -27.37 18.41
C PRO B 364 4.17 -27.85 19.10
N VAL B 365 3.09 -27.10 18.93
CA VAL B 365 1.83 -27.46 19.56
C VAL B 365 0.71 -27.72 18.56
N GLY B 366 0.33 -28.98 18.42
CA GLY B 366 -0.75 -29.33 17.51
C GLY B 366 -2.07 -29.02 18.18
N GLU B 367 -3.02 -28.46 17.41
CA GLU B 367 -4.33 -28.11 17.92
C GLU B 367 -5.39 -28.74 17.02
N ILE B 368 -6.34 -29.45 17.63
CA ILE B 368 -7.38 -30.11 16.86
C ILE B 368 -8.78 -29.57 17.12
N TYR B 369 -9.42 -29.10 16.06
CA TYR B 369 -10.78 -28.55 16.13
C TYR B 369 -11.70 -29.56 15.45
N LYS B 370 -12.84 -29.84 16.08
CA LYS B 370 -13.78 -30.81 15.54
C LYS B 370 -15.02 -30.15 14.95
N VAL B 371 -15.36 -30.54 13.73
CA VAL B 371 -16.55 -30.01 13.05
C VAL B 371 -17.36 -31.16 12.46
N SER B 372 -18.64 -30.90 12.19
CA SER B 372 -19.54 -31.91 11.65
C SER B 372 -19.75 -31.83 10.15
N SER B 373 -19.37 -30.71 9.56
CA SER B 373 -19.56 -30.55 8.13
C SER B 373 -18.53 -29.61 7.51
N GLU B 374 -18.65 -29.46 6.20
CA GLU B 374 -17.75 -28.61 5.44
C GLU B 374 -18.07 -27.15 5.76
N GLU B 375 -19.36 -26.85 5.92
CA GLU B 375 -19.80 -25.50 6.25
C GLU B 375 -19.20 -25.08 7.59
N GLU B 376 -19.22 -25.98 8.56
CA GLU B 376 -18.66 -25.70 9.89
C GLU B 376 -17.15 -25.54 9.78
N ALA B 377 -16.51 -26.34 8.92
CA ALA B 377 -15.06 -26.24 8.76
C ALA B 377 -14.69 -24.84 8.30
N ILE B 378 -15.44 -24.32 7.34
CA ILE B 378 -15.22 -22.98 6.81
C ILE B 378 -15.46 -21.93 7.90
N GLU B 379 -16.57 -22.06 8.64
CA GLU B 379 -16.87 -21.10 9.70
C GLU B 379 -15.74 -21.01 10.72
N VAL B 380 -15.24 -22.16 11.16
CA VAL B 380 -14.15 -22.18 12.13
C VAL B 380 -12.90 -21.52 11.54
N ALA B 381 -12.53 -21.92 10.33
CA ALA B 381 -11.35 -21.36 9.67
C ALA B 381 -11.42 -19.83 9.61
N ASN B 382 -12.62 -19.31 9.32
CA ASN B 382 -12.79 -17.87 9.21
C ASN B 382 -12.99 -17.15 10.54
N ASP B 383 -13.30 -17.90 11.60
CA ASP B 383 -13.50 -17.27 12.90
C ASP B 383 -12.12 -17.08 13.53
N SER B 384 -11.38 -16.12 12.98
CA SER B 384 -10.02 -15.85 13.42
C SER B 384 -9.63 -14.40 13.11
N ASN B 385 -8.71 -13.86 13.89
CA ASN B 385 -8.24 -12.49 13.67
C ASN B 385 -7.15 -12.51 12.62
N TYR B 386 -6.71 -13.71 12.25
CA TYR B 386 -5.64 -13.86 11.26
C TYR B 386 -6.17 -14.36 9.91
N GLY B 387 -5.36 -14.20 8.87
CA GLY B 387 -5.77 -14.63 7.54
C GLY B 387 -4.54 -14.64 6.65
N LEU B 388 -3.55 -15.44 7.03
CA LEU B 388 -2.33 -15.53 6.26
C LEU B 388 -2.33 -16.68 5.27
N GLY B 389 -2.28 -17.91 5.77
CA GLY B 389 -2.27 -19.08 4.91
C GLY B 389 -3.38 -20.07 5.21
N GLY B 390 -3.07 -21.36 5.06
CA GLY B 390 -4.06 -22.39 5.32
C GLY B 390 -3.91 -23.53 4.33
N THR B 391 -4.50 -24.67 4.64
CA THR B 391 -4.42 -25.85 3.78
C THR B 391 -5.76 -26.55 3.62
N ILE B 392 -6.01 -27.03 2.41
CA ILE B 392 -7.22 -27.78 2.14
C ILE B 392 -6.74 -29.16 1.67
N PHE B 393 -7.12 -30.21 2.39
CA PHE B 393 -6.72 -31.56 2.03
C PHE B 393 -7.89 -32.33 1.43
N SER B 394 -7.77 -32.66 0.15
CA SER B 394 -8.83 -33.36 -0.57
C SER B 394 -8.27 -34.01 -1.85
N SER B 395 -8.66 -35.25 -2.10
CA SER B 395 -8.21 -35.97 -3.29
C SER B 395 -8.80 -35.38 -4.56
N ASN B 396 -9.91 -34.66 -4.41
CA ASN B 396 -10.57 -34.03 -5.55
C ASN B 396 -10.09 -32.58 -5.58
N GLN B 397 -9.18 -32.29 -6.52
CA GLN B 397 -8.62 -30.95 -6.63
C GLN B 397 -9.65 -29.86 -6.91
N GLU B 398 -10.63 -30.17 -7.74
CA GLU B 398 -11.68 -29.21 -8.07
C GLU B 398 -12.41 -28.84 -6.77
N HIS B 399 -12.75 -29.84 -5.99
CA HIS B 399 -13.43 -29.64 -4.72
C HIS B 399 -12.57 -28.83 -3.74
N ALA B 400 -11.29 -29.16 -3.65
CA ALA B 400 -10.38 -28.46 -2.74
C ALA B 400 -10.30 -26.98 -3.11
N LYS B 401 -10.22 -26.70 -4.41
CA LYS B 401 -10.14 -25.34 -4.90
C LYS B 401 -11.42 -24.55 -4.61
N ALA B 402 -12.57 -25.21 -4.71
CA ALA B 402 -13.84 -24.55 -4.45
C ALA B 402 -13.92 -24.17 -2.97
N VAL B 403 -13.46 -25.06 -2.10
CA VAL B 403 -13.50 -24.78 -0.67
C VAL B 403 -12.51 -23.67 -0.31
N ALA B 404 -11.30 -23.73 -0.89
CA ALA B 404 -10.28 -22.73 -0.62
C ALA B 404 -10.76 -21.31 -0.90
N ALA B 405 -11.52 -21.14 -1.99
CA ALA B 405 -12.03 -19.82 -2.36
C ALA B 405 -12.89 -19.20 -1.26
N LYS B 406 -13.49 -20.04 -0.42
CA LYS B 406 -14.36 -19.56 0.63
C LYS B 406 -13.64 -19.21 1.93
N ILE B 407 -12.33 -19.41 1.97
CA ILE B 407 -11.59 -19.10 3.18
C ILE B 407 -11.06 -17.67 3.11
N GLU B 408 -11.24 -16.91 4.19
CA GLU B 408 -10.76 -15.54 4.22
C GLU B 408 -9.30 -15.57 4.65
N THR B 409 -8.42 -15.62 3.66
CA THR B 409 -6.99 -15.67 3.92
C THR B 409 -6.27 -15.27 2.65
N GLY B 410 -4.96 -15.02 2.75
CA GLY B 410 -4.19 -14.63 1.58
C GLY B 410 -3.65 -15.79 0.75
N MET B 411 -3.50 -16.95 1.36
CA MET B 411 -2.94 -18.10 0.65
C MET B 411 -3.61 -19.41 1.04
N SER B 412 -3.78 -20.30 0.06
CA SER B 412 -4.37 -21.61 0.30
C SER B 412 -3.50 -22.67 -0.35
N PHE B 413 -2.99 -23.61 0.45
CA PHE B 413 -2.14 -24.69 -0.06
C PHE B 413 -2.95 -25.97 -0.12
N ILE B 414 -2.98 -26.59 -1.31
CA ILE B 414 -3.75 -27.81 -1.51
C ILE B 414 -2.91 -29.09 -1.27
N ASN B 415 -3.43 -29.97 -0.41
CA ASN B 415 -2.77 -31.24 -0.10
C ASN B 415 -1.31 -31.09 0.26
N SER B 416 -1.02 -30.06 1.05
CA SER B 416 0.36 -29.82 1.47
C SER B 416 0.40 -28.68 2.46
N GLY B 417 1.50 -28.62 3.21
CA GLY B 417 1.67 -27.55 4.17
C GLY B 417 2.13 -26.36 3.37
N TRP B 418 2.60 -25.32 4.04
CA TRP B 418 3.05 -24.12 3.34
C TRP B 418 4.26 -24.37 2.46
N THR B 419 4.45 -23.46 1.50
CA THR B 419 5.57 -23.50 0.60
C THR B 419 5.76 -22.07 0.14
N SER B 420 7.01 -21.70 -0.12
CA SER B 420 7.31 -20.36 -0.58
C SER B 420 8.29 -20.44 -1.74
N LEU B 421 7.92 -19.83 -2.86
CA LEU B 421 8.75 -19.80 -4.05
C LEU B 421 8.80 -18.38 -4.56
N PRO B 422 9.87 -18.02 -5.29
CA PRO B 422 10.05 -16.68 -5.85
C PRO B 422 8.88 -16.19 -6.68
N GLU B 423 8.31 -17.09 -7.47
CA GLU B 423 7.19 -16.74 -8.34
C GLU B 423 5.83 -16.66 -7.67
N LEU B 424 5.75 -17.00 -6.38
CA LEU B 424 4.48 -16.97 -5.68
C LEU B 424 4.36 -15.80 -4.70
N PRO B 425 3.26 -15.02 -4.78
CA PRO B 425 3.04 -13.88 -3.89
C PRO B 425 2.77 -14.39 -2.47
N PHE B 426 3.31 -13.70 -1.48
CA PHE B 426 3.17 -14.10 -0.08
C PHE B 426 2.64 -12.94 0.78
N GLY B 427 1.58 -13.20 1.53
CA GLY B 427 0.99 -12.18 2.36
C GLY B 427 -0.42 -12.54 2.76
N GLY B 428 -1.03 -11.72 3.62
CA GLY B 428 -2.39 -12.02 4.06
C GLY B 428 -3.32 -10.83 4.25
N ILE B 429 -4.31 -11.01 5.13
CA ILE B 429 -5.31 -10.00 5.42
C ILE B 429 -5.56 -9.96 6.93
N LYS B 430 -6.51 -9.13 7.35
CA LYS B 430 -6.85 -8.97 8.76
C LYS B 430 -5.58 -8.65 9.56
N HIS B 431 -5.42 -9.25 10.74
CA HIS B 431 -4.22 -8.96 11.54
C HIS B 431 -2.96 -9.60 10.98
N SER B 432 -3.05 -10.22 9.82
CA SER B 432 -1.87 -10.84 9.22
C SER B 432 -1.14 -9.79 8.37
N GLY B 433 -1.73 -8.60 8.27
CA GLY B 433 -1.12 -7.53 7.53
C GLY B 433 -1.76 -7.18 6.20
N TYR B 434 -0.98 -6.57 5.31
CA TYR B 434 -1.45 -6.19 4.00
C TYR B 434 -0.23 -6.01 3.09
N GLY B 435 -0.45 -6.13 1.79
CA GLY B 435 0.64 -6.03 0.85
C GLY B 435 1.15 -7.44 0.58
N ARG B 436 1.97 -7.59 -0.44
CA ARG B 436 2.51 -8.89 -0.82
C ARG B 436 4.01 -8.81 -1.07
N GLU B 437 4.78 -9.80 -0.74
CA GLU B 437 6.13 -10.05 -1.08
C GLU B 437 6.30 -11.15 -2.00
N LEU B 438 7.38 -11.17 -2.68
CA LEU B 438 7.67 -12.02 -3.73
C LEU B 438 6.78 -11.91 -4.94
N SER B 439 7.15 -12.55 -5.98
CA SER B 439 6.61 -12.42 -7.25
C SER B 439 6.71 -11.05 -7.84
N GLU B 440 5.93 -10.77 -8.84
CA GLU B 440 5.74 -9.48 -9.36
C GLU B 440 5.08 -8.55 -8.49
N LEU B 441 4.15 -8.95 -7.68
CA LEU B 441 3.54 -8.10 -6.72
C LEU B 441 4.49 -7.53 -5.69
N GLY B 442 5.39 -8.29 -5.21
CA GLY B 442 6.32 -7.79 -4.21
C GLY B 442 7.34 -6.87 -4.86
N PHE B 443 7.55 -7.06 -6.16
CA PHE B 443 8.51 -6.27 -6.90
C PHE B 443 8.12 -4.79 -7.00
N THR B 444 6.82 -4.52 -7.07
CA THR B 444 6.32 -3.16 -7.21
C THR B 444 5.87 -2.43 -5.94
N SER B 445 6.04 -3.04 -4.78
CA SER B 445 5.61 -2.41 -3.53
C SER B 445 6.14 -0.96 -3.34
N PHE B 446 7.41 -0.74 -3.68
CA PHE B 446 7.99 0.58 -3.51
C PHE B 446 8.52 1.16 -4.82
N VAL B 447 7.76 0.92 -5.87
CA VAL B 447 8.08 1.41 -7.20
C VAL B 447 7.16 2.59 -7.52
N ASN B 448 7.69 3.56 -8.25
CA ASN B 448 6.89 4.70 -8.66
C ASN B 448 6.41 4.42 -10.08
N GLU B 449 5.13 4.09 -10.24
CA GLU B 449 4.58 3.84 -11.57
C GLU B 449 4.33 5.23 -12.14
N HIS B 450 5.31 5.71 -12.90
CA HIS B 450 5.29 7.05 -13.48
C HIS B 450 4.57 7.08 -14.82
N LEU B 451 3.39 7.71 -14.82
CA LEU B 451 2.57 7.84 -16.02
C LEU B 451 3.08 8.89 -16.99
N ILE B 452 3.08 8.54 -18.27
CA ILE B 452 3.46 9.48 -19.31
C ILE B 452 2.23 9.51 -20.22
N TYR B 453 1.60 10.66 -20.35
CA TYR B 453 0.41 10.75 -21.19
C TYR B 453 0.57 11.79 -22.29
N ILE B 454 0.25 11.39 -23.52
CA ILE B 454 0.36 12.27 -24.67
C ILE B 454 -0.98 12.31 -25.40
N PRO B 455 -1.79 13.36 -25.17
CA PRO B 455 -3.10 13.46 -25.83
C PRO B 455 -3.00 13.75 -27.33
N ASN B 456 -3.91 13.19 -28.12
CA ASN B 456 -3.91 13.41 -29.56
C ASN B 456 -4.05 14.88 -29.90
#